data_8Z49
#
_entry.id   8Z49
#
_entity_poly.entity_id   1
_entity_poly.type   'polypeptide(L)'
_entity_poly.pdbx_seq_one_letter_code
;GAMTTEPTTEEETQRSSAKSQLYNLCSVRHWKAPLYEYIAEGPCHMKIFTGKVTVEMKEDSRITVLECFGNPQYKKKIAA
EQAAEAALWYLKNVGLE
;
_entity_poly.pdbx_strand_id   A
#
# COMPACT_ATOMS: atom_id res chain seq x y z
N GLY A 1 0.40 34.11 14.23
CA GLY A 1 0.34 32.84 13.47
C GLY A 1 1.30 32.91 12.28
N ALA A 2 1.34 31.83 11.50
CA ALA A 2 2.20 31.78 10.33
C ALA A 2 1.69 30.76 9.32
N MET A 3 2.08 30.91 8.07
CA MET A 3 1.75 29.93 7.04
C MET A 3 2.78 29.95 5.92
N THR A 4 2.74 28.94 5.06
CA THR A 4 3.62 28.89 3.90
C THR A 4 2.94 28.19 2.74
N THR A 5 3.37 28.51 1.52
CA THR A 5 2.87 27.81 0.34
C THR A 5 3.22 26.33 0.42
N GLU A 6 2.25 25.46 0.16
CA GLU A 6 2.49 24.04 0.16
C GLU A 6 3.24 23.62 -1.12
N PRO A 7 4.34 22.90 -1.00
CA PRO A 7 5.12 22.45 -2.20
C PRO A 7 4.39 21.41 -3.03
N THR A 8 4.68 21.39 -4.34
CA THR A 8 4.07 20.40 -5.23
C THR A 8 4.56 18.99 -4.90
N THR A 9 5.85 18.88 -4.56
CA THR A 9 6.44 17.58 -4.31
C THR A 9 6.10 16.59 -5.42
N GLU A 10 6.21 17.06 -6.66
CA GLU A 10 5.90 16.22 -7.81
C GLU A 10 6.78 14.97 -7.83
N GLU A 11 8.07 15.15 -7.55
CA GLU A 11 9.01 14.03 -7.56
C GLU A 11 8.59 12.97 -6.57
N GLU A 12 8.21 13.39 -5.36
CA GLU A 12 7.85 12.45 -4.31
C GLU A 12 6.61 11.66 -4.72
N THR A 13 5.68 12.33 -5.38
CA THR A 13 4.47 11.67 -5.86
C THR A 13 4.81 10.60 -6.89
N GLN A 14 5.65 10.94 -7.85
CA GLN A 14 6.01 10.00 -8.91
C GLN A 14 6.76 8.80 -8.33
N ARG A 15 7.65 9.06 -7.37
CA ARG A 15 8.39 7.99 -6.73
C ARG A 15 7.47 7.09 -5.91
N SER A 16 6.50 7.73 -5.24
CA SER A 16 5.54 6.99 -4.44
C SER A 16 4.64 6.12 -5.31
N SER A 17 4.24 6.66 -6.46
CA SER A 17 3.45 5.90 -7.41
C SER A 17 2.16 5.37 -6.76
N ALA A 18 1.97 4.04 -6.76
CA ALA A 18 0.75 3.45 -6.23
C ALA A 18 0.49 3.89 -4.79
N LYS A 19 1.57 4.13 -4.06
CA LYS A 19 1.46 4.52 -2.65
C LYS A 19 0.70 5.83 -2.52
N SER A 20 0.89 6.73 -3.48
CA SER A 20 0.24 8.04 -3.42
C SER A 20 -1.18 7.95 -3.97
N GLN A 21 -1.41 7.01 -4.87
CA GLN A 21 -2.75 6.78 -5.38
C GLN A 21 -3.65 6.27 -4.26
N LEU A 22 -3.10 5.41 -3.41
CA LEU A 22 -3.86 4.91 -2.27
C LEU A 22 -4.14 6.02 -1.27
N TYR A 23 -3.11 6.81 -0.97
CA TYR A 23 -3.28 7.95 -0.08
C TYR A 23 -4.39 8.88 -0.58
N ASN A 24 -4.33 9.22 -1.86
CA ASN A 24 -5.32 10.13 -2.45
C ASN A 24 -6.71 9.53 -2.36
N LEU A 25 -6.84 8.27 -2.74
CA LEU A 25 -8.13 7.59 -2.67
C LEU A 25 -8.70 7.67 -1.26
N CYS A 26 -7.88 7.31 -0.27
CA CYS A 26 -8.34 7.27 1.11
C CYS A 26 -8.78 8.65 1.57
N SER A 27 -7.99 9.67 1.20
CA SER A 27 -8.27 11.03 1.63
C SER A 27 -9.64 11.48 1.15
N VAL A 28 -9.92 11.24 -0.13
CA VAL A 28 -11.17 11.72 -0.73
C VAL A 28 -12.37 11.02 -0.09
N ARG A 29 -12.22 9.74 0.19
CA ARG A 29 -13.32 8.94 0.71
C ARG A 29 -13.40 9.02 2.23
N HIS A 30 -12.59 9.91 2.82
CA HIS A 30 -12.61 10.10 4.27
C HIS A 30 -12.21 8.81 5.00
N TRP A 31 -11.27 8.08 4.40
CA TRP A 31 -10.68 6.92 5.04
C TRP A 31 -9.35 7.29 5.68
N LYS A 32 -8.94 6.52 6.69
CA LYS A 32 -7.68 6.75 7.36
C LYS A 32 -6.52 6.59 6.37
N ALA A 33 -5.59 7.52 6.43
CA ALA A 33 -4.42 7.43 5.57
C ALA A 33 -3.74 6.07 5.71
N PRO A 34 -3.24 5.48 4.63
CA PRO A 34 -2.63 4.12 4.67
C PRO A 34 -1.35 4.07 5.52
N LEU A 35 -1.20 3.00 6.29
CA LEU A 35 0.03 2.78 7.05
C LEU A 35 0.81 1.62 6.46
N TYR A 36 2.14 1.76 6.42
CA TYR A 36 2.98 0.78 5.75
C TYR A 36 3.94 0.14 6.75
N GLU A 37 4.26 -1.13 6.52
CA GLU A 37 5.33 -1.79 7.26
C GLU A 37 6.00 -2.85 6.39
N TYR A 38 7.18 -3.30 6.81
CA TYR A 38 7.95 -4.26 6.03
C TYR A 38 8.34 -5.46 6.89
N ILE A 39 8.37 -6.64 6.29
CA ILE A 39 9.02 -7.78 6.90
C ILE A 39 10.15 -8.29 6.00
N ALA A 40 11.32 -8.49 6.57
CA ALA A 40 12.46 -8.96 5.80
C ALA A 40 13.05 -10.22 6.42
N GLU A 41 13.47 -11.15 5.57
CA GLU A 41 14.11 -12.37 6.06
C GLU A 41 15.03 -12.94 4.98
N GLY A 42 15.94 -13.81 5.40
CA GLY A 42 16.81 -14.51 4.45
C GLY A 42 18.20 -13.89 4.42
N PRO A 43 19.06 -14.42 3.60
CA PRO A 43 20.48 -13.95 3.48
C PRO A 43 20.57 -12.50 3.03
N CYS A 44 21.64 -11.82 3.42
CA CYS A 44 21.80 -10.41 3.07
C CYS A 44 21.90 -10.25 1.55
N HIS A 45 22.35 -11.30 0.86
CA HIS A 45 22.53 -11.24 -0.58
C HIS A 45 21.26 -11.73 -1.29
N MET A 46 20.34 -12.28 -0.50
CA MET A 46 19.11 -12.86 -1.05
C MET A 46 17.90 -12.43 -0.23
N LYS A 47 17.97 -11.23 0.34
CA LYS A 47 16.95 -10.80 1.29
C LYS A 47 15.59 -10.78 0.62
N ILE A 48 14.60 -11.39 1.28
CA ILE A 48 13.23 -11.37 0.78
C ILE A 48 12.37 -10.41 1.60
N PHE A 49 11.65 -9.53 0.91
CA PHE A 49 10.86 -8.51 1.58
C PHE A 49 9.38 -8.78 1.39
N THR A 50 8.58 -8.47 2.41
CA THR A 50 7.13 -8.38 2.26
C THR A 50 6.66 -7.00 2.69
N GLY A 51 6.10 -6.25 1.75
CA GLY A 51 5.50 -4.95 2.09
C GLY A 51 4.02 -5.10 2.42
N LYS A 52 3.62 -4.48 3.52
CA LYS A 52 2.22 -4.55 3.94
C LYS A 52 1.64 -3.15 4.16
N VAL A 53 0.38 -2.97 3.79
CA VAL A 53 -0.29 -1.70 3.98
C VAL A 53 -1.63 -1.92 4.67
N THR A 54 -1.97 -1.02 5.60
CA THR A 54 -3.25 -1.12 6.31
C THR A 54 -4.09 0.12 6.06
N VAL A 55 -5.35 -0.07 5.74
CA VAL A 55 -6.29 1.04 5.61
C VAL A 55 -7.50 0.83 6.50
N GLU A 56 -7.74 1.78 7.40
CA GLU A 56 -8.85 1.67 8.35
C GLU A 56 -10.06 2.45 7.86
N MET A 57 -11.23 1.84 7.95
CA MET A 57 -12.44 2.46 7.43
C MET A 57 -13.57 2.40 8.45
N LYS A 58 -14.47 3.37 8.40
CA LYS A 58 -15.62 3.37 9.29
C LYS A 58 -16.93 3.53 8.50
N GLU A 59 -17.98 2.86 8.97
CA GLU A 59 -19.30 3.05 8.39
C GLU A 59 -20.25 3.69 9.41
N ASP A 60 -21.51 3.83 9.05
CA ASP A 60 -22.47 4.50 9.92
C ASP A 60 -22.59 3.77 11.25
N SER A 61 -22.51 2.44 11.21
CA SER A 61 -22.74 1.63 12.39
C SER A 61 -21.77 0.45 12.46
N ARG A 62 -20.76 0.48 11.61
CA ARG A 62 -19.79 -0.61 11.55
C ARG A 62 -18.37 -0.08 11.43
N ILE A 63 -17.40 -0.91 11.79
CA ILE A 63 -16.00 -0.60 11.49
C ILE A 63 -15.32 -1.78 10.81
N THR A 64 -14.30 -1.50 10.00
CA THR A 64 -13.56 -2.56 9.31
C THR A 64 -12.14 -2.10 9.01
N VAL A 65 -11.23 -3.07 8.89
CA VAL A 65 -9.86 -2.76 8.53
C VAL A 65 -9.43 -3.58 7.31
N LEU A 66 -8.80 -2.93 6.35
CA LEU A 66 -8.28 -3.62 5.18
C LEU A 66 -6.77 -3.78 5.28
N GLU A 67 -6.31 -5.02 5.10
CA GLU A 67 -4.88 -5.29 5.12
C GLU A 67 -4.45 -5.97 3.82
N CYS A 68 -3.41 -5.43 3.18
CA CYS A 68 -2.89 -6.03 1.95
C CYS A 68 -1.38 -6.08 1.99
N PHE A 69 -0.79 -6.92 1.15
CA PHE A 69 0.66 -7.01 1.08
C PHE A 69 1.11 -7.43 -0.31
N GLY A 70 2.35 -7.09 -0.65
CA GLY A 70 2.86 -7.40 -1.98
C GLY A 70 3.37 -8.84 -2.05
N ASN A 71 2.44 -9.79 -2.16
CA ASN A 71 2.80 -11.20 -2.22
C ASN A 71 3.91 -11.47 -3.24
N PRO A 72 3.74 -11.02 -4.48
CA PRO A 72 4.78 -11.20 -5.55
C PRO A 72 5.96 -10.25 -5.40
N GLN A 73 6.68 -10.35 -4.30
CA GLN A 73 7.72 -9.38 -4.00
C GLN A 73 8.91 -9.53 -4.96
N TYR A 74 9.53 -8.40 -5.28
CA TYR A 74 10.84 -8.43 -5.92
C TYR A 74 11.84 -7.58 -5.14
N LYS A 75 11.49 -6.32 -4.91
CA LYS A 75 12.31 -5.43 -4.08
C LYS A 75 11.48 -4.82 -2.97
N LYS A 76 12.16 -4.31 -1.95
CA LYS A 76 11.47 -3.68 -0.82
C LYS A 76 10.46 -2.64 -1.30
N LYS A 77 10.93 -1.70 -2.13
CA LYS A 77 10.08 -0.62 -2.61
C LYS A 77 8.92 -1.18 -3.43
N ILE A 78 9.22 -2.13 -4.31
CA ILE A 78 8.22 -2.69 -5.20
C ILE A 78 7.11 -3.34 -4.40
N ALA A 79 7.49 -4.09 -3.38
CA ALA A 79 6.53 -4.80 -2.55
C ALA A 79 5.52 -3.84 -1.94
N ALA A 80 6.01 -2.69 -1.48
CA ALA A 80 5.13 -1.71 -0.89
C ALA A 80 4.13 -1.19 -1.93
N GLU A 81 4.63 -0.92 -3.14
CA GLU A 81 3.76 -0.45 -4.22
C GLU A 81 2.73 -1.51 -4.58
N GLN A 82 3.14 -2.77 -4.62
CA GLN A 82 2.21 -3.87 -4.89
C GLN A 82 1.13 -3.96 -3.81
N ALA A 83 1.53 -3.78 -2.55
CA ALA A 83 0.57 -3.78 -1.46
C ALA A 83 -0.46 -2.67 -1.63
N ALA A 84 0.00 -1.50 -2.06
CA ALA A 84 -0.88 -0.37 -2.31
C ALA A 84 -1.85 -0.69 -3.45
N GLU A 85 -1.33 -1.29 -4.50
CA GLU A 85 -2.15 -1.67 -5.66
C GLU A 85 -3.24 -2.63 -5.25
N ALA A 86 -2.90 -3.59 -4.39
CA ALA A 86 -3.89 -4.51 -3.87
C ALA A 86 -4.95 -3.76 -3.06
N ALA A 87 -4.50 -2.83 -2.22
CA ALA A 87 -5.43 -2.05 -1.40
C ALA A 87 -6.38 -1.25 -2.29
N LEU A 88 -5.84 -0.69 -3.36
CA LEU A 88 -6.65 0.08 -4.31
C LEU A 88 -7.75 -0.79 -4.90
N TRP A 89 -7.41 -2.02 -5.27
CA TRP A 89 -8.39 -2.95 -5.81
C TRP A 89 -9.45 -3.27 -4.77
N TYR A 90 -9.00 -3.63 -3.56
CA TYR A 90 -9.93 -4.01 -2.51
C TYR A 90 -10.86 -2.86 -2.15
N LEU A 91 -10.30 -1.67 -2.02
CA LEU A 91 -11.08 -0.52 -1.57
C LEU A 91 -12.18 -0.20 -2.57
N LYS A 92 -11.88 -0.36 -3.85
CA LYS A 92 -12.88 -0.19 -4.90
C LYS A 92 -14.09 -1.06 -4.63
N ASN A 93 -13.84 -2.32 -4.30
CA ASN A 93 -14.93 -3.26 -4.04
C ASN A 93 -15.63 -2.90 -2.73
N VAL A 94 -14.84 -2.60 -1.71
CA VAL A 94 -15.39 -2.32 -0.38
C VAL A 94 -16.33 -1.11 -0.43
N GLY A 95 -15.93 -0.09 -1.20
CA GLY A 95 -16.72 1.13 -1.29
C GLY A 95 -17.89 0.96 -2.26
N LEU A 96 -17.99 -0.24 -2.83
CA LEU A 96 -19.04 -0.52 -3.80
C LEU A 96 -18.97 0.47 -4.95
N GLU A 97 -17.76 0.71 -5.44
CA GLU A 97 -17.58 1.62 -6.57
C GLU A 97 -17.23 0.84 -7.83
N GLY A 1 23.32 8.64 -3.47
CA GLY A 1 24.28 8.70 -2.33
C GLY A 1 24.88 7.33 -2.09
N ALA A 2 25.86 6.96 -2.92
CA ALA A 2 26.49 5.65 -2.79
C ALA A 2 25.44 4.56 -2.64
N MET A 3 25.69 3.65 -1.70
CA MET A 3 24.69 2.65 -1.34
C MET A 3 24.12 2.94 0.05
N THR A 4 24.13 4.21 0.42
CA THR A 4 23.69 4.59 1.76
C THR A 4 22.28 5.18 1.73
N THR A 5 22.05 6.07 0.77
CA THR A 5 20.77 6.77 0.70
C THR A 5 19.75 5.91 -0.05
N GLU A 6 18.48 6.31 0.04
CA GLU A 6 17.41 5.57 -0.60
C GLU A 6 16.49 6.50 -1.39
N PRO A 7 16.98 7.01 -2.49
CA PRO A 7 16.24 8.01 -3.30
C PRO A 7 15.05 7.40 -4.05
N THR A 8 14.17 8.27 -4.55
CA THR A 8 13.11 7.82 -5.45
C THR A 8 13.70 7.33 -6.77
N THR A 9 13.31 6.13 -7.18
CA THR A 9 13.81 5.54 -8.41
C THR A 9 12.68 5.01 -9.26
N GLU A 10 13.00 4.58 -10.47
CA GLU A 10 12.02 3.94 -11.34
C GLU A 10 10.84 4.87 -11.59
N GLU A 11 11.09 5.96 -12.29
CA GLU A 11 10.04 6.92 -12.62
C GLU A 11 8.82 6.20 -13.19
N GLU A 12 9.07 5.19 -14.01
CA GLU A 12 7.97 4.45 -14.64
C GLU A 12 7.05 3.85 -13.59
N THR A 13 7.63 3.43 -12.46
CA THR A 13 6.84 2.93 -11.35
C THR A 13 6.09 4.08 -10.67
N GLN A 14 6.78 5.20 -10.49
CA GLN A 14 6.21 6.32 -9.74
C GLN A 14 4.99 6.89 -10.48
N ARG A 15 5.04 6.86 -11.81
CA ARG A 15 3.95 7.40 -12.62
C ARG A 15 2.65 6.65 -12.34
N SER A 16 2.77 5.42 -11.85
CA SER A 16 1.62 4.60 -11.57
C SER A 16 1.56 4.23 -10.08
N SER A 17 2.21 5.04 -9.26
CA SER A 17 2.31 4.75 -7.84
C SER A 17 0.95 4.41 -7.26
N ALA A 18 0.84 3.20 -6.70
CA ALA A 18 -0.39 2.77 -6.07
C ALA A 18 -0.55 3.40 -4.70
N LYS A 19 0.58 3.64 -4.03
CA LYS A 19 0.57 4.32 -2.75
C LYS A 19 -0.06 5.71 -2.87
N SER A 20 0.33 6.43 -3.93
CA SER A 20 -0.20 7.76 -4.15
C SER A 20 -1.71 7.70 -4.37
N GLN A 21 -2.16 6.75 -5.16
CA GLN A 21 -3.60 6.57 -5.41
C GLN A 21 -4.32 6.21 -4.11
N LEU A 22 -3.67 5.39 -3.29
CA LEU A 22 -4.28 4.93 -2.05
C LEU A 22 -4.43 6.09 -1.07
N TYR A 23 -3.39 6.93 -0.99
CA TYR A 23 -3.46 8.12 -0.15
C TYR A 23 -4.60 9.03 -0.60
N ASN A 24 -4.76 9.17 -1.91
CA ASN A 24 -5.82 10.00 -2.45
C ASN A 24 -7.19 9.38 -2.15
N LEU A 25 -7.31 8.09 -2.40
CA LEU A 25 -8.56 7.40 -2.15
C LEU A 25 -9.00 7.55 -0.70
N CYS A 26 -8.08 7.27 0.22
CA CYS A 26 -8.40 7.31 1.64
C CYS A 26 -8.77 8.73 2.06
N SER A 27 -8.07 9.71 1.51
CA SER A 27 -8.33 11.11 1.84
C SER A 27 -9.76 11.49 1.44
N VAL A 28 -10.14 11.14 0.22
CA VAL A 28 -11.47 11.46 -0.28
C VAL A 28 -12.54 10.76 0.55
N ARG A 29 -12.26 9.52 0.94
CA ARG A 29 -13.26 8.72 1.63
C ARG A 29 -13.22 8.98 3.14
N HIS A 30 -12.35 9.91 3.55
CA HIS A 30 -12.21 10.23 4.96
C HIS A 30 -11.80 9.00 5.76
N TRP A 31 -10.92 8.18 5.17
CA TRP A 31 -10.41 7.00 5.85
C TRP A 31 -9.07 7.30 6.51
N LYS A 32 -8.68 6.46 7.47
CA LYS A 32 -7.41 6.62 8.16
C LYS A 32 -6.25 6.50 7.17
N ALA A 33 -5.28 7.40 7.29
CA ALA A 33 -4.11 7.37 6.43
C ALA A 33 -3.47 5.97 6.45
N PRO A 34 -3.19 5.42 5.30
CA PRO A 34 -2.55 4.08 5.19
C PRO A 34 -1.27 3.98 6.00
N LEU A 35 -1.13 2.88 6.73
CA LEU A 35 0.11 2.62 7.46
C LEU A 35 0.88 1.48 6.81
N TYR A 36 2.20 1.60 6.77
CA TYR A 36 3.02 0.67 6.01
C TYR A 36 4.03 -0.02 6.92
N GLU A 37 4.26 -1.30 6.68
CA GLU A 37 5.30 -2.03 7.41
C GLU A 37 6.18 -2.81 6.44
N TYR A 38 7.38 -3.17 6.89
CA TYR A 38 8.30 -3.93 6.05
C TYR A 38 8.89 -5.10 6.81
N ILE A 39 9.00 -6.24 6.15
CA ILE A 39 9.67 -7.39 6.74
C ILE A 39 10.76 -7.92 5.80
N ALA A 40 11.96 -8.08 6.34
CA ALA A 40 13.04 -8.72 5.58
C ALA A 40 13.09 -10.22 5.87
N GLU A 41 13.23 -11.02 4.82
CA GLU A 41 13.28 -12.47 4.98
C GLU A 41 13.94 -13.12 3.78
N GLY A 42 14.36 -14.37 3.93
CA GLY A 42 14.89 -15.14 2.82
C GLY A 42 16.18 -15.86 3.21
N PRO A 43 16.60 -16.80 2.41
CA PRO A 43 17.86 -17.57 2.66
C PRO A 43 19.11 -16.70 2.45
N CYS A 44 20.25 -17.22 2.89
CA CYS A 44 21.50 -16.46 2.80
C CYS A 44 21.91 -16.30 1.33
N HIS A 45 21.24 -17.02 0.44
CA HIS A 45 21.59 -17.01 -0.97
C HIS A 45 20.70 -16.02 -1.72
N MET A 46 19.68 -15.51 -1.05
CA MET A 46 18.71 -14.62 -1.69
C MET A 46 17.79 -13.99 -0.65
N LYS A 47 17.83 -12.66 -0.57
CA LYS A 47 16.97 -11.95 0.37
C LYS A 47 15.87 -11.19 -0.37
N ILE A 48 14.68 -11.18 0.22
CA ILE A 48 13.57 -10.45 -0.36
C ILE A 48 12.95 -9.50 0.67
N PHE A 49 12.09 -8.61 0.20
CA PHE A 49 11.41 -7.68 1.10
C PHE A 49 9.90 -7.83 0.99
N THR A 50 9.24 -8.01 2.13
CA THR A 50 7.79 -8.06 2.15
C THR A 50 7.20 -6.72 2.59
N GLY A 51 6.32 -6.16 1.77
CA GLY A 51 5.65 -4.92 2.11
C GLY A 51 4.24 -5.20 2.61
N LYS A 52 3.80 -4.41 3.59
CA LYS A 52 2.43 -4.52 4.09
C LYS A 52 1.81 -3.13 4.25
N VAL A 53 0.53 -3.02 3.93
CA VAL A 53 -0.21 -1.78 4.17
C VAL A 53 -1.50 -2.05 4.94
N THR A 54 -1.81 -1.16 5.87
CA THR A 54 -3.05 -1.29 6.64
C THR A 54 -3.92 -0.06 6.44
N VAL A 55 -5.19 -0.28 6.12
CA VAL A 55 -6.14 0.82 5.97
C VAL A 55 -7.37 0.60 6.85
N GLU A 56 -7.76 1.63 7.58
CA GLU A 56 -8.97 1.57 8.40
C GLU A 56 -10.10 2.33 7.74
N MET A 57 -11.17 1.60 7.41
CA MET A 57 -12.27 2.19 6.64
C MET A 57 -13.47 2.46 7.55
N LYS A 58 -14.13 3.59 7.31
CA LYS A 58 -15.33 3.92 8.09
C LYS A 58 -16.57 3.82 7.20
N GLU A 59 -17.64 3.25 7.77
CA GLU A 59 -18.94 3.30 7.12
C GLU A 59 -19.92 4.09 7.97
N ASP A 60 -21.19 4.11 7.54
CA ASP A 60 -22.21 4.88 8.26
C ASP A 60 -22.30 4.42 9.71
N SER A 61 -22.14 3.13 9.94
CA SER A 61 -22.31 2.56 11.27
C SER A 61 -21.42 1.34 11.45
N ARG A 62 -20.22 1.38 10.88
CA ARG A 62 -19.30 0.25 10.98
C ARG A 62 -17.87 0.70 10.72
N ILE A 63 -16.93 0.08 11.41
CA ILE A 63 -15.51 0.30 11.12
C ILE A 63 -14.81 -1.03 10.85
N THR A 64 -14.08 -1.10 9.74
CA THR A 64 -13.37 -2.32 9.38
C THR A 64 -11.93 -2.01 9.00
N VAL A 65 -11.09 -3.03 9.01
CA VAL A 65 -9.68 -2.85 8.71
C VAL A 65 -9.24 -3.75 7.55
N LEU A 66 -8.52 -3.18 6.60
CA LEU A 66 -7.99 -3.96 5.50
C LEU A 66 -6.48 -4.09 5.61
N GLU A 67 -5.97 -5.32 5.47
CA GLU A 67 -4.54 -5.54 5.48
C GLU A 67 -4.09 -6.25 4.21
N CYS A 68 -3.17 -5.62 3.47
CA CYS A 68 -2.64 -6.21 2.26
C CYS A 68 -1.11 -6.24 2.29
N PHE A 69 -0.52 -7.12 1.48
CA PHE A 69 0.92 -7.27 1.47
C PHE A 69 1.39 -7.87 0.16
N GLY A 70 2.69 -7.77 -0.12
CA GLY A 70 3.27 -8.44 -1.26
C GLY A 70 4.64 -9.01 -0.89
N ASN A 71 4.91 -10.22 -1.36
CA ASN A 71 6.06 -10.98 -0.88
C ASN A 71 7.18 -11.03 -1.91
N PRO A 72 6.85 -11.25 -3.16
CA PRO A 72 7.85 -11.59 -4.20
C PRO A 72 8.48 -10.35 -4.84
N GLN A 73 9.16 -9.55 -4.01
CA GLN A 73 9.85 -8.37 -4.53
C GLN A 73 11.24 -8.29 -3.92
N TYR A 74 12.18 -7.72 -4.68
CA TYR A 74 13.55 -7.57 -4.21
C TYR A 74 13.81 -6.13 -3.77
N LYS A 75 12.78 -5.29 -3.86
CA LYS A 75 12.89 -3.92 -3.38
C LYS A 75 11.71 -3.60 -2.45
N LYS A 76 12.03 -3.11 -1.26
CA LYS A 76 11.00 -2.86 -0.25
C LYS A 76 9.98 -1.86 -0.76
N LYS A 77 10.42 -0.93 -1.59
CA LYS A 77 9.55 0.14 -2.07
C LYS A 77 8.50 -0.41 -3.02
N ILE A 78 8.92 -1.33 -3.89
CA ILE A 78 8.00 -1.97 -4.82
C ILE A 78 7.02 -2.87 -4.05
N ALA A 79 7.53 -3.56 -3.04
CA ALA A 79 6.69 -4.39 -2.20
C ALA A 79 5.56 -3.57 -1.59
N ALA A 80 5.90 -2.36 -1.13
CA ALA A 80 4.90 -1.46 -0.58
C ALA A 80 3.86 -1.09 -1.63
N GLU A 81 4.34 -0.82 -2.85
CA GLU A 81 3.45 -0.44 -3.94
C GLU A 81 2.49 -1.58 -4.26
N GLN A 82 3.01 -2.80 -4.28
CA GLN A 82 2.17 -3.97 -4.52
C GLN A 82 1.10 -4.12 -3.44
N ALA A 83 1.51 -3.92 -2.19
CA ALA A 83 0.57 -3.99 -1.08
C ALA A 83 -0.51 -2.93 -1.23
N ALA A 84 -0.09 -1.72 -1.63
CA ALA A 84 -1.05 -0.64 -1.83
C ALA A 84 -1.99 -0.96 -2.98
N GLU A 85 -1.45 -1.54 -4.05
CA GLU A 85 -2.25 -1.88 -5.21
C GLU A 85 -3.32 -2.90 -4.83
N ALA A 86 -2.93 -3.90 -4.07
CA ALA A 86 -3.89 -4.89 -3.59
C ALA A 86 -4.96 -4.23 -2.73
N ALA A 87 -4.55 -3.23 -1.94
CA ALA A 87 -5.49 -2.47 -1.14
C ALA A 87 -6.50 -1.74 -2.04
N LEU A 88 -5.99 -1.16 -3.12
CA LEU A 88 -6.86 -0.41 -4.03
C LEU A 88 -7.90 -1.33 -4.64
N TRP A 89 -7.49 -2.54 -5.01
CA TRP A 89 -8.41 -3.51 -5.59
C TRP A 89 -9.61 -3.71 -4.69
N TYR A 90 -9.35 -4.11 -3.45
CA TYR A 90 -10.44 -4.36 -2.50
C TYR A 90 -11.26 -3.10 -2.28
N LEU A 91 -10.59 -2.00 -1.96
CA LEU A 91 -11.29 -0.81 -1.49
C LEU A 91 -12.22 -0.26 -2.58
N LYS A 92 -11.75 -0.31 -3.82
CA LYS A 92 -12.56 0.14 -4.93
C LYS A 92 -13.76 -0.79 -5.14
N ASN A 93 -13.53 -2.09 -4.99
CA ASN A 93 -14.59 -3.07 -5.20
C ASN A 93 -15.74 -2.86 -4.22
N VAL A 94 -15.40 -2.38 -3.03
CA VAL A 94 -16.41 -2.18 -1.99
C VAL A 94 -16.79 -0.71 -1.89
N GLY A 95 -15.92 0.15 -2.40
CA GLY A 95 -16.15 1.59 -2.32
C GLY A 95 -17.03 2.06 -3.47
N LEU A 96 -16.89 1.41 -4.61
CA LEU A 96 -17.63 1.82 -5.80
C LEU A 96 -18.95 1.08 -5.90
N GLU A 97 -19.94 1.71 -6.52
CA GLU A 97 -21.23 1.06 -6.74
C GLU A 97 -21.91 1.63 -7.98
N GLY A 1 21.63 -6.90 -2.29
CA GLY A 1 20.28 -6.40 -1.95
C GLY A 1 20.01 -6.65 -0.46
N ALA A 2 20.80 -6.01 0.39
CA ALA A 2 20.67 -6.23 1.84
C ALA A 2 19.61 -5.31 2.44
N MET A 3 19.26 -4.27 1.69
CA MET A 3 18.34 -3.27 2.21
C MET A 3 17.64 -2.53 1.06
N THR A 4 16.60 -1.77 1.39
CA THR A 4 15.94 -0.94 0.39
C THR A 4 16.06 0.54 0.76
N THR A 5 16.41 1.36 -0.23
CA THR A 5 16.59 2.78 0.00
C THR A 5 15.45 3.58 -0.64
N GLU A 6 14.56 2.87 -1.34
CA GLU A 6 13.44 3.53 -2.01
C GLU A 6 13.92 4.74 -2.80
N PRO A 7 14.71 4.51 -3.81
CA PRO A 7 15.27 5.61 -4.66
C PRO A 7 14.18 6.31 -5.48
N THR A 8 14.40 7.59 -5.76
CA THR A 8 13.45 8.36 -6.57
C THR A 8 14.18 9.11 -7.68
N THR A 9 13.63 9.04 -8.88
CA THR A 9 14.17 9.84 -9.99
C THR A 9 13.55 11.23 -10.01
N GLU A 10 12.24 11.29 -9.80
CA GLU A 10 11.54 12.57 -9.84
C GLU A 10 10.27 12.51 -9.00
N GLU A 11 9.81 13.66 -8.53
CA GLU A 11 8.59 13.71 -7.72
C GLU A 11 7.43 13.04 -8.46
N GLU A 12 7.41 13.19 -9.79
CA GLU A 12 6.33 12.64 -10.59
C GLU A 12 6.27 11.12 -10.42
N THR A 13 7.42 10.50 -10.26
CA THR A 13 7.50 9.07 -10.06
C THR A 13 6.80 8.67 -8.76
N GLN A 14 7.09 9.42 -7.70
CA GLN A 14 6.45 9.15 -6.40
C GLN A 14 4.94 9.32 -6.52
N ARG A 15 4.50 10.34 -7.25
CA ARG A 15 3.07 10.60 -7.40
C ARG A 15 2.39 9.44 -8.11
N SER A 16 3.11 8.80 -9.01
CA SER A 16 2.54 7.71 -9.81
C SER A 16 2.49 6.41 -9.01
N SER A 17 3.21 6.38 -7.89
CA SER A 17 3.35 5.13 -7.15
C SER A 17 1.99 4.68 -6.61
N ALA A 18 1.80 3.37 -6.58
CA ALA A 18 0.59 2.80 -5.97
C ALA A 18 0.46 3.23 -4.52
N LYS A 19 1.59 3.49 -3.86
CA LYS A 19 1.56 3.94 -2.47
C LYS A 19 0.87 5.30 -2.36
N SER A 20 1.13 6.17 -3.32
CA SER A 20 0.53 7.49 -3.32
C SER A 20 -0.93 7.41 -3.76
N GLN A 21 -1.22 6.53 -4.71
CA GLN A 21 -2.59 6.34 -5.17
C GLN A 21 -3.48 5.89 -4.01
N LEU A 22 -2.96 5.00 -3.17
CA LEU A 22 -3.72 4.53 -2.02
C LEU A 22 -3.98 5.65 -1.03
N TYR A 23 -2.93 6.42 -0.73
CA TYR A 23 -3.08 7.58 0.14
C TYR A 23 -4.16 8.51 -0.39
N ASN A 24 -4.10 8.82 -1.68
CA ASN A 24 -5.05 9.75 -2.27
C ASN A 24 -6.47 9.23 -2.15
N LEU A 25 -6.68 7.97 -2.53
CA LEU A 25 -8.02 7.38 -2.51
C LEU A 25 -8.59 7.41 -1.09
N CYS A 26 -7.78 7.00 -0.13
CA CYS A 26 -8.21 6.99 1.26
C CYS A 26 -8.65 8.38 1.70
N SER A 27 -7.88 9.39 1.32
CA SER A 27 -8.21 10.76 1.68
C SER A 27 -9.55 11.18 1.08
N VAL A 28 -9.75 10.85 -0.19
CA VAL A 28 -10.98 11.21 -0.88
C VAL A 28 -12.18 10.57 -0.20
N ARG A 29 -12.02 9.33 0.24
CA ARG A 29 -13.12 8.59 0.83
C ARG A 29 -13.27 8.91 2.32
N HIS A 30 -12.49 9.88 2.81
CA HIS A 30 -12.52 10.25 4.22
C HIS A 30 -12.14 9.06 5.10
N TRP A 31 -11.20 8.26 4.62
CA TRP A 31 -10.75 7.08 5.36
C TRP A 31 -9.30 7.26 5.80
N LYS A 32 -8.92 6.54 6.84
CA LYS A 32 -7.60 6.72 7.46
C LYS A 32 -6.51 6.43 6.44
N ALA A 33 -5.50 7.30 6.40
CA ALA A 33 -4.37 7.08 5.52
C ALA A 33 -3.72 5.72 5.80
N PRO A 34 -3.15 5.10 4.80
CA PRO A 34 -2.54 3.74 4.92
C PRO A 34 -1.32 3.73 5.84
N LEU A 35 -1.19 2.66 6.61
CA LEU A 35 0.03 2.44 7.38
C LEU A 35 0.81 1.26 6.81
N TYR A 36 2.13 1.38 6.80
CA TYR A 36 2.97 0.39 6.15
C TYR A 36 3.90 -0.26 7.18
N GLU A 37 4.20 -1.54 6.98
CA GLU A 37 5.28 -2.20 7.70
C GLU A 37 5.96 -3.24 6.82
N TYR A 38 7.18 -3.61 7.19
CA TYR A 38 7.98 -4.50 6.37
C TYR A 38 8.65 -5.57 7.22
N ILE A 39 8.75 -6.79 6.67
CA ILE A 39 9.55 -7.83 7.31
C ILE A 39 10.58 -8.37 6.32
N ALA A 40 11.86 -8.26 6.67
CA ALA A 40 12.93 -8.66 5.77
C ALA A 40 13.54 -9.99 6.21
N GLU A 41 13.84 -10.85 5.24
CA GLU A 41 14.54 -12.10 5.52
C GLU A 41 15.28 -12.59 4.29
N GLY A 42 16.51 -13.03 4.47
CA GLY A 42 17.28 -13.58 3.35
C GLY A 42 18.73 -13.12 3.41
N PRO A 43 19.52 -13.54 2.47
CA PRO A 43 20.96 -13.17 2.39
C PRO A 43 21.15 -11.72 1.98
N CYS A 44 22.33 -11.18 2.28
CA CYS A 44 22.67 -9.80 1.91
C CYS A 44 22.74 -9.66 0.40
N HIS A 45 23.03 -10.77 -0.28
CA HIS A 45 23.10 -10.75 -1.74
C HIS A 45 21.77 -10.34 -2.36
N MET A 46 20.70 -11.06 -2.01
CA MET A 46 19.38 -10.69 -2.44
C MET A 46 18.37 -11.05 -1.35
N LYS A 47 17.92 -10.05 -0.63
CA LYS A 47 17.05 -10.27 0.52
C LYS A 47 15.59 -10.13 0.13
N ILE A 48 14.73 -10.96 0.72
CA ILE A 48 13.29 -10.86 0.49
C ILE A 48 12.65 -9.89 1.48
N PHE A 49 11.83 -8.99 0.97
CA PHE A 49 11.14 -8.03 1.82
C PHE A 49 9.63 -8.18 1.70
N THR A 50 8.98 -8.59 2.79
CA THR A 50 7.52 -8.68 2.83
C THR A 50 6.91 -7.34 3.22
N GLY A 51 6.12 -6.78 2.32
CA GLY A 51 5.48 -5.51 2.60
C GLY A 51 4.02 -5.71 3.00
N LYS A 52 3.56 -4.94 3.98
CA LYS A 52 2.15 -4.99 4.38
C LYS A 52 1.60 -3.58 4.56
N VAL A 53 0.35 -3.37 4.14
CA VAL A 53 -0.30 -2.08 4.32
C VAL A 53 -1.65 -2.28 4.99
N THR A 54 -1.99 -1.37 5.90
CA THR A 54 -3.27 -1.44 6.60
C THR A 54 -4.09 -0.18 6.34
N VAL A 55 -5.36 -0.36 5.98
CA VAL A 55 -6.24 0.78 5.77
C VAL A 55 -7.50 0.65 6.63
N GLU A 56 -7.75 1.67 7.45
CA GLU A 56 -8.89 1.64 8.35
C GLU A 56 -10.04 2.49 7.79
N MET A 57 -11.14 1.82 7.45
CA MET A 57 -12.26 2.51 6.82
C MET A 57 -13.36 2.77 7.84
N LYS A 58 -14.19 3.77 7.57
CA LYS A 58 -15.35 4.04 8.42
C LYS A 58 -16.65 3.83 7.64
N GLU A 59 -17.58 3.10 8.24
CA GLU A 59 -18.90 2.92 7.65
C GLU A 59 -19.95 3.66 8.47
N ASP A 60 -21.21 3.52 8.06
CA ASP A 60 -22.29 4.28 8.70
C ASP A 60 -22.33 3.99 10.20
N SER A 61 -22.08 2.74 10.57
CA SER A 61 -22.17 2.34 11.97
C SER A 61 -21.16 1.24 12.28
N ARG A 62 -20.17 1.08 11.41
CA ARG A 62 -19.20 0.01 11.57
C ARG A 62 -17.79 0.51 11.25
N ILE A 63 -16.79 -0.17 11.80
CA ILE A 63 -15.41 0.04 11.37
C ILE A 63 -14.89 -1.21 10.65
N THR A 64 -14.32 -1.00 9.46
CA THR A 64 -13.80 -2.11 8.67
C THR A 64 -12.37 -1.84 8.21
N VAL A 65 -11.50 -2.82 8.38
CA VAL A 65 -10.08 -2.63 8.15
C VAL A 65 -9.58 -3.58 7.06
N LEU A 66 -8.81 -3.03 6.12
CA LEU A 66 -8.18 -3.87 5.09
C LEU A 66 -6.72 -4.15 5.45
N GLU A 67 -6.28 -5.38 5.18
CA GLU A 67 -4.87 -5.72 5.31
C GLU A 67 -4.36 -6.41 4.06
N CYS A 68 -3.39 -5.79 3.39
CA CYS A 68 -2.82 -6.37 2.18
C CYS A 68 -1.31 -6.48 2.30
N PHE A 69 -0.74 -7.42 1.56
CA PHE A 69 0.70 -7.65 1.65
C PHE A 69 1.22 -8.34 0.40
N GLY A 70 2.54 -8.31 0.23
CA GLY A 70 3.18 -9.14 -0.79
C GLY A 70 4.52 -9.64 -0.29
N ASN A 71 4.81 -10.89 -0.60
CA ASN A 71 5.95 -11.62 -0.02
C ASN A 71 7.13 -11.70 -1.00
N PRO A 72 6.88 -12.03 -2.25
CA PRO A 72 7.94 -12.39 -3.23
C PRO A 72 8.56 -11.17 -3.91
N GLN A 73 9.17 -10.28 -3.11
CA GLN A 73 9.79 -9.10 -3.66
C GLN A 73 11.17 -8.88 -3.05
N TYR A 74 12.07 -8.24 -3.80
CA TYR A 74 13.41 -7.99 -3.31
C TYR A 74 13.57 -6.52 -2.90
N LYS A 75 12.46 -5.79 -2.91
CA LYS A 75 12.48 -4.38 -2.51
C LYS A 75 11.26 -4.04 -1.66
N LYS A 76 11.49 -3.25 -0.63
CA LYS A 76 10.38 -2.75 0.18
C LYS A 76 9.45 -1.89 -0.67
N LYS A 77 10.03 -1.10 -1.58
CA LYS A 77 9.23 -0.22 -2.43
C LYS A 77 8.19 -0.99 -3.23
N ILE A 78 8.63 -2.04 -3.91
CA ILE A 78 7.73 -2.81 -4.76
C ILE A 78 6.71 -3.55 -3.91
N ALA A 79 7.18 -4.15 -2.82
CA ALA A 79 6.29 -4.93 -1.95
C ALA A 79 5.15 -4.05 -1.43
N ALA A 80 5.49 -2.83 -1.02
CA ALA A 80 4.49 -1.91 -0.52
C ALA A 80 3.49 -1.54 -1.61
N GLU A 81 4.02 -1.26 -2.81
CA GLU A 81 3.17 -0.89 -3.94
C GLU A 81 2.23 -2.03 -4.31
N GLN A 82 2.75 -3.25 -4.31
CA GLN A 82 1.91 -4.41 -4.59
C GLN A 82 0.80 -4.54 -3.55
N ALA A 83 1.16 -4.37 -2.28
CA ALA A 83 0.16 -4.35 -1.22
C ALA A 83 -0.84 -3.23 -1.46
N ALA A 84 -0.34 -2.07 -1.89
CA ALA A 84 -1.21 -0.92 -2.14
C ALA A 84 -2.18 -1.21 -3.27
N GLU A 85 -1.69 -1.87 -4.32
CA GLU A 85 -2.53 -2.20 -5.46
C GLU A 85 -3.69 -3.11 -5.03
N ALA A 86 -3.39 -4.06 -4.15
CA ALA A 86 -4.44 -4.92 -3.62
C ALA A 86 -5.44 -4.09 -2.81
N ALA A 87 -4.93 -3.18 -2.00
CA ALA A 87 -5.79 -2.33 -1.17
C ALA A 87 -6.67 -1.46 -2.04
N LEU A 88 -6.10 -0.95 -3.11
CA LEU A 88 -6.85 -0.11 -4.05
C LEU A 88 -8.01 -0.90 -4.64
N TRP A 89 -7.76 -2.15 -5.00
CA TRP A 89 -8.81 -3.01 -5.54
C TRP A 89 -9.92 -3.20 -4.51
N TYR A 90 -9.54 -3.51 -3.28
CA TYR A 90 -10.53 -3.71 -2.22
C TYR A 90 -11.33 -2.44 -1.97
N LEU A 91 -10.62 -1.30 -1.92
CA LEU A 91 -11.27 -0.03 -1.61
C LEU A 91 -12.29 0.33 -2.69
N LYS A 92 -11.95 0.02 -3.94
CA LYS A 92 -12.88 0.25 -5.04
C LYS A 92 -14.19 -0.48 -4.80
N ASN A 93 -14.09 -1.76 -4.48
CA ASN A 93 -15.28 -2.59 -4.26
C ASN A 93 -16.12 -2.03 -3.11
N VAL A 94 -15.44 -1.59 -2.05
CA VAL A 94 -16.12 -1.05 -0.89
C VAL A 94 -16.84 0.24 -1.26
N GLY A 95 -16.16 1.10 -2.02
CA GLY A 95 -16.75 2.37 -2.45
C GLY A 95 -17.97 2.13 -3.32
N LEU A 96 -17.90 1.10 -4.17
CA LEU A 96 -19.01 0.78 -5.05
C LEU A 96 -20.19 0.26 -4.25
N GLU A 97 -19.91 -0.54 -3.21
CA GLU A 97 -20.97 -1.11 -2.39
C GLU A 97 -21.92 -1.94 -3.24
N GLY A 1 22.38 -5.48 -0.94
CA GLY A 1 21.00 -4.92 -0.91
C GLY A 1 20.37 -5.16 0.45
N ALA A 2 21.11 -4.83 1.51
CA ALA A 2 20.65 -5.10 2.86
C ALA A 2 19.40 -4.29 3.17
N MET A 3 19.27 -3.14 2.53
CA MET A 3 18.18 -2.21 2.84
C MET A 3 17.70 -1.51 1.57
N THR A 4 16.55 -0.85 1.66
CA THR A 4 16.01 -0.14 0.51
C THR A 4 16.01 1.36 0.75
N THR A 5 16.45 2.11 -0.25
CA THR A 5 16.54 3.57 -0.12
C THR A 5 15.32 4.23 -0.78
N GLU A 6 14.55 3.45 -1.53
CA GLU A 6 13.38 3.97 -2.22
C GLU A 6 13.75 5.20 -3.04
N PRO A 7 14.56 5.03 -4.04
CA PRO A 7 15.00 6.14 -4.93
C PRO A 7 13.87 6.65 -5.83
N THR A 8 13.96 7.91 -6.22
CA THR A 8 13.00 8.47 -7.16
C THR A 8 13.70 8.96 -8.43
N THR A 9 13.21 8.51 -9.57
CA THR A 9 13.75 8.97 -10.85
C THR A 9 13.22 10.36 -11.19
N GLU A 10 11.91 10.56 -10.97
CA GLU A 10 11.28 11.84 -11.29
C GLU A 10 10.09 12.09 -10.38
N GLU A 11 9.77 13.35 -10.15
CA GLU A 11 8.65 13.70 -9.28
C GLU A 11 7.35 13.02 -9.76
N GLU A 12 7.12 13.06 -11.06
CA GLU A 12 5.91 12.50 -11.63
C GLU A 12 5.84 11.01 -11.35
N THR A 13 6.98 10.34 -11.42
CA THR A 13 7.05 8.91 -11.17
C THR A 13 6.64 8.60 -9.73
N GLN A 14 7.19 9.36 -8.79
CA GLN A 14 6.86 9.16 -7.39
C GLN A 14 5.36 9.37 -7.16
N ARG A 15 4.82 10.43 -7.74
CA ARG A 15 3.41 10.76 -7.56
C ARG A 15 2.53 9.65 -8.12
N SER A 16 3.01 8.98 -9.16
CA SER A 16 2.23 7.95 -9.84
C SER A 16 2.28 6.64 -9.04
N SER A 17 3.13 6.57 -8.04
CA SER A 17 3.30 5.34 -7.28
C SER A 17 1.98 4.89 -6.68
N ALA A 18 1.78 3.58 -6.65
CA ALA A 18 0.59 3.01 -6.03
C ALA A 18 0.46 3.45 -4.57
N LYS A 19 1.58 3.73 -3.94
CA LYS A 19 1.57 4.17 -2.55
C LYS A 19 0.86 5.51 -2.42
N SER A 20 1.09 6.40 -3.38
CA SER A 20 0.47 7.71 -3.37
C SER A 20 -1.00 7.61 -3.79
N GLN A 21 -1.28 6.72 -4.75
CA GLN A 21 -2.65 6.50 -5.20
C GLN A 21 -3.52 6.04 -4.04
N LEU A 22 -2.97 5.16 -3.21
CA LEU A 22 -3.72 4.65 -2.06
C LEU A 22 -4.01 5.77 -1.06
N TYR A 23 -2.98 6.56 -0.77
CA TYR A 23 -3.16 7.71 0.10
C TYR A 23 -4.28 8.61 -0.41
N ASN A 24 -4.23 8.92 -1.71
CA ASN A 24 -5.22 9.80 -2.30
C ASN A 24 -6.62 9.23 -2.16
N LEU A 25 -6.77 7.96 -2.53
CA LEU A 25 -8.07 7.30 -2.47
C LEU A 25 -8.63 7.35 -1.05
N CYS A 26 -7.79 7.00 -0.08
CA CYS A 26 -8.22 6.99 1.31
C CYS A 26 -8.70 8.37 1.73
N SER A 27 -7.98 9.41 1.31
CA SER A 27 -8.35 10.77 1.65
C SER A 27 -9.72 11.12 1.07
N VAL A 28 -9.92 10.75 -0.19
CA VAL A 28 -11.19 11.05 -0.86
C VAL A 28 -12.36 10.39 -0.14
N ARG A 29 -12.13 9.16 0.33
CA ARG A 29 -13.20 8.39 0.94
C ARG A 29 -13.31 8.70 2.43
N HIS A 30 -12.54 9.68 2.90
CA HIS A 30 -12.54 10.04 4.32
C HIS A 30 -12.12 8.85 5.18
N TRP A 31 -11.16 8.08 4.68
CA TRP A 31 -10.67 6.91 5.40
C TRP A 31 -9.23 7.12 5.86
N LYS A 32 -8.84 6.36 6.87
CA LYS A 32 -7.52 6.55 7.47
C LYS A 32 -6.43 6.34 6.43
N ALA A 33 -5.44 7.22 6.44
CA ALA A 33 -4.28 7.05 5.58
C ALA A 33 -3.63 5.69 5.81
N PRO A 34 -3.05 5.10 4.78
CA PRO A 34 -2.47 3.73 4.87
C PRO A 34 -1.23 3.68 5.76
N LEU A 35 -1.10 2.59 6.51
CA LEU A 35 0.14 2.32 7.23
C LEU A 35 0.87 1.13 6.61
N TYR A 36 2.19 1.22 6.55
CA TYR A 36 2.98 0.21 5.87
C TYR A 36 3.90 -0.50 6.85
N GLU A 37 4.13 -1.79 6.61
CA GLU A 37 5.18 -2.52 7.31
C GLU A 37 5.75 -3.61 6.40
N TYR A 38 6.91 -4.12 6.78
CA TYR A 38 7.61 -5.11 5.95
C TYR A 38 8.08 -6.29 6.80
N ILE A 39 8.03 -7.48 6.21
CA ILE A 39 8.72 -8.63 6.79
C ILE A 39 9.99 -8.94 6.01
N ALA A 40 11.14 -8.88 6.69
CA ALA A 40 12.42 -9.03 6.02
C ALA A 40 12.94 -10.46 6.14
N GLU A 41 13.51 -10.98 5.07
CA GLU A 41 14.23 -12.25 5.12
C GLU A 41 15.31 -12.31 4.05
N GLY A 42 16.24 -13.24 4.20
CA GLY A 42 17.27 -13.45 3.18
C GLY A 42 18.57 -12.78 3.58
N PRO A 43 19.55 -12.83 2.71
CA PRO A 43 20.91 -12.32 3.01
C PRO A 43 20.99 -10.80 2.95
N CYS A 44 22.10 -10.25 3.42
CA CYS A 44 22.38 -8.82 3.26
C CYS A 44 22.73 -8.50 1.81
N HIS A 45 23.20 -9.51 1.08
CA HIS A 45 23.50 -9.32 -0.32
C HIS A 45 22.28 -8.80 -1.09
N MET A 46 21.12 -9.41 -0.89
CA MET A 46 19.89 -8.88 -1.43
C MET A 46 18.73 -9.30 -0.53
N LYS A 47 18.22 -8.35 0.24
CA LYS A 47 17.24 -8.65 1.26
C LYS A 47 15.84 -8.70 0.65
N ILE A 48 15.01 -9.64 1.12
CA ILE A 48 13.65 -9.74 0.63
C ILE A 48 12.67 -9.14 1.63
N PHE A 49 11.92 -8.13 1.17
CA PHE A 49 10.89 -7.52 2.00
C PHE A 49 9.50 -7.81 1.48
N THR A 50 8.66 -8.40 2.32
CA THR A 50 7.24 -8.60 1.98
C THR A 50 6.42 -7.44 2.50
N GLY A 51 5.81 -6.69 1.58
CA GLY A 51 5.10 -5.49 1.95
C GLY A 51 3.72 -5.81 2.50
N LYS A 52 3.33 -5.12 3.57
CA LYS A 52 1.93 -5.15 4.01
C LYS A 52 1.42 -3.74 4.30
N VAL A 53 0.18 -3.48 3.91
CA VAL A 53 -0.41 -2.16 4.14
C VAL A 53 -1.78 -2.31 4.82
N THR A 54 -2.04 -1.43 5.77
CA THR A 54 -3.31 -1.47 6.51
C THR A 54 -4.09 -0.19 6.30
N VAL A 55 -5.38 -0.32 6.00
CA VAL A 55 -6.24 0.85 5.89
C VAL A 55 -7.48 0.67 6.75
N GLU A 56 -7.78 1.67 7.58
CA GLU A 56 -8.97 1.63 8.42
C GLU A 56 -10.12 2.39 7.78
N MET A 57 -11.22 1.70 7.51
CA MET A 57 -12.34 2.29 6.82
C MET A 57 -13.46 2.62 7.79
N LYS A 58 -14.20 3.68 7.51
CA LYS A 58 -15.38 4.01 8.31
C LYS A 58 -16.67 3.72 7.53
N GLU A 59 -17.59 3.01 8.16
CA GLU A 59 -18.89 2.75 7.57
C GLU A 59 -19.98 3.50 8.33
N ASP A 60 -21.22 3.30 7.93
CA ASP A 60 -22.34 4.05 8.51
C ASP A 60 -22.37 3.87 10.03
N SER A 61 -22.07 2.67 10.49
CA SER A 61 -22.16 2.37 11.92
C SER A 61 -21.11 1.33 12.31
N ARG A 62 -20.12 1.14 11.46
CA ARG A 62 -19.12 0.11 11.69
C ARG A 62 -17.73 0.61 11.35
N ILE A 63 -16.71 0.01 11.98
CA ILE A 63 -15.34 0.21 11.54
C ILE A 63 -14.78 -1.08 10.94
N THR A 64 -14.21 -0.99 9.75
CA THR A 64 -13.68 -2.16 9.07
C THR A 64 -12.22 -1.97 8.69
N VAL A 65 -11.39 -2.96 8.98
CA VAL A 65 -9.96 -2.85 8.72
C VAL A 65 -9.57 -3.68 7.50
N LEU A 66 -8.87 -3.04 6.56
CA LEU A 66 -8.38 -3.74 5.37
C LEU A 66 -6.89 -3.98 5.46
N GLU A 67 -6.48 -5.23 5.27
CA GLU A 67 -5.06 -5.58 5.29
C GLU A 67 -4.66 -6.28 3.99
N CYS A 68 -3.69 -5.70 3.29
CA CYS A 68 -3.22 -6.28 2.04
C CYS A 68 -1.71 -6.46 2.07
N PHE A 69 -1.20 -7.39 1.28
CA PHE A 69 0.22 -7.67 1.28
C PHE A 69 0.64 -8.35 -0.02
N GLY A 70 1.94 -8.32 -0.30
CA GLY A 70 2.47 -9.02 -1.45
C GLY A 70 3.26 -10.24 -1.01
N ASN A 71 4.28 -10.58 -1.79
CA ASN A 71 5.13 -11.75 -1.52
C ASN A 71 6.31 -11.82 -2.50
N PRO A 72 6.04 -11.89 -3.79
CA PRO A 72 7.09 -11.93 -4.84
C PRO A 72 7.75 -10.58 -5.08
N GLN A 73 8.36 -10.02 -4.03
CA GLN A 73 8.97 -8.71 -4.13
C GLN A 73 10.29 -8.67 -3.37
N TYR A 74 11.15 -7.71 -3.70
CA TYR A 74 12.41 -7.56 -3.00
C TYR A 74 12.48 -6.22 -2.26
N LYS A 75 12.47 -5.14 -3.04
CA LYS A 75 12.67 -3.81 -2.48
C LYS A 75 11.43 -3.34 -1.73
N LYS A 76 11.65 -2.56 -0.68
CA LYS A 76 10.53 -2.02 0.10
C LYS A 76 9.59 -1.23 -0.79
N LYS A 77 10.15 -0.56 -1.80
CA LYS A 77 9.35 0.28 -2.69
C LYS A 77 8.31 -0.55 -3.45
N ILE A 78 8.78 -1.55 -4.18
CA ILE A 78 7.88 -2.38 -4.97
C ILE A 78 7.01 -3.23 -4.05
N ALA A 79 7.56 -3.60 -2.90
CA ALA A 79 6.81 -4.40 -1.94
C ALA A 79 5.59 -3.65 -1.45
N ALA A 80 5.78 -2.40 -1.06
CA ALA A 80 4.68 -1.59 -0.56
C ALA A 80 3.68 -1.30 -1.67
N GLU A 81 4.20 -0.99 -2.85
CA GLU A 81 3.34 -0.65 -3.99
C GLU A 81 2.42 -1.82 -4.34
N GLN A 82 2.95 -3.03 -4.32
CA GLN A 82 2.13 -4.20 -4.61
C GLN A 82 1.03 -4.35 -3.57
N ALA A 83 1.36 -4.14 -2.31
CA ALA A 83 0.35 -4.14 -1.26
C ALA A 83 -0.68 -3.05 -1.50
N ALA A 84 -0.20 -1.88 -1.93
CA ALA A 84 -1.08 -0.74 -2.18
C ALA A 84 -2.04 -1.03 -3.32
N GLU A 85 -1.53 -1.67 -4.37
CA GLU A 85 -2.36 -1.99 -5.53
C GLU A 85 -3.50 -2.91 -5.13
N ALA A 86 -3.21 -3.89 -4.28
CA ALA A 86 -4.26 -4.75 -3.75
C ALA A 86 -5.27 -3.95 -2.94
N ALA A 87 -4.77 -3.05 -2.11
CA ALA A 87 -5.63 -2.23 -1.27
C ALA A 87 -6.55 -1.36 -2.12
N LEU A 88 -5.99 -0.81 -3.20
CA LEU A 88 -6.76 0.03 -4.11
C LEU A 88 -7.95 -0.75 -4.66
N TRP A 89 -7.71 -2.01 -5.04
CA TRP A 89 -8.78 -2.85 -5.57
C TRP A 89 -9.89 -3.02 -4.54
N TYR A 90 -9.51 -3.32 -3.30
CA TYR A 90 -10.49 -3.59 -2.25
C TYR A 90 -11.26 -2.31 -1.91
N LEU A 91 -10.52 -1.22 -1.73
CA LEU A 91 -11.13 0.02 -1.24
C LEU A 91 -12.17 0.54 -2.25
N LYS A 92 -11.84 0.43 -3.54
CA LYS A 92 -12.75 0.90 -4.57
C LYS A 92 -14.05 0.12 -4.56
N ASN A 93 -13.94 -1.20 -4.39
CA ASN A 93 -15.12 -2.05 -4.33
C ASN A 93 -16.00 -1.67 -3.14
N VAL A 94 -15.36 -1.38 -2.01
CA VAL A 94 -16.09 -0.96 -0.81
C VAL A 94 -16.77 0.38 -1.04
N GLY A 95 -16.03 1.31 -1.65
CA GLY A 95 -16.57 2.63 -1.91
C GLY A 95 -17.79 2.56 -2.82
N LEU A 96 -17.73 1.66 -3.80
CA LEU A 96 -18.85 1.49 -4.74
C LEU A 96 -20.04 0.86 -4.03
N GLU A 97 -19.77 -0.09 -3.14
CA GLU A 97 -20.83 -0.78 -2.42
C GLU A 97 -21.79 -1.45 -3.40
N GLY A 1 17.05 -20.60 4.65
CA GLY A 1 15.78 -19.99 5.15
C GLY A 1 15.50 -18.70 4.40
N ALA A 2 14.37 -18.65 3.70
CA ALA A 2 13.97 -17.45 2.98
C ALA A 2 12.49 -17.51 2.63
N MET A 3 11.90 -16.34 2.39
CA MET A 3 10.54 -16.27 1.87
C MET A 3 10.42 -17.00 0.55
N THR A 4 11.43 -16.84 -0.30
CA THR A 4 11.45 -17.53 -1.59
C THR A 4 12.86 -17.59 -2.14
N THR A 5 13.10 -18.53 -3.05
CA THR A 5 14.37 -18.61 -3.76
C THR A 5 14.28 -17.89 -5.11
N GLU A 6 13.08 -17.44 -5.45
CA GLU A 6 12.86 -16.77 -6.73
C GLU A 6 12.06 -15.48 -6.53
N PRO A 7 12.64 -14.50 -5.89
CA PRO A 7 12.00 -13.17 -5.70
C PRO A 7 11.90 -12.38 -7.01
N THR A 8 10.90 -11.50 -7.09
CA THR A 8 10.69 -10.71 -8.30
C THR A 8 10.72 -9.23 -7.96
N THR A 9 10.82 -8.40 -8.99
CA THR A 9 10.74 -6.95 -8.81
C THR A 9 9.45 -6.40 -9.39
N GLU A 10 8.69 -7.25 -10.09
CA GLU A 10 7.42 -6.85 -10.65
C GLU A 10 7.52 -5.47 -11.30
N GLU A 11 8.35 -5.37 -12.34
CA GLU A 11 8.56 -4.08 -13.01
C GLU A 11 7.23 -3.42 -13.34
N GLU A 12 6.26 -4.23 -13.79
CA GLU A 12 4.96 -3.69 -14.19
C GLU A 12 4.29 -3.00 -13.01
N THR A 13 4.47 -3.56 -11.82
CA THR A 13 3.85 -3.01 -10.62
C THR A 13 4.51 -1.69 -10.24
N GLN A 14 5.84 -1.65 -10.29
CA GLN A 14 6.58 -0.45 -9.95
C GLN A 14 6.18 0.71 -10.86
N ARG A 15 6.08 0.43 -12.15
CA ARG A 15 5.71 1.46 -13.12
C ARG A 15 4.30 1.96 -12.85
N SER A 16 3.40 1.04 -12.47
CA SER A 16 2.04 1.43 -12.16
C SER A 16 1.97 2.18 -10.85
N SER A 17 2.75 1.73 -9.86
CA SER A 17 2.72 2.31 -8.53
C SER A 17 1.28 2.41 -8.02
N ALA A 18 0.65 3.57 -8.21
CA ALA A 18 -0.64 3.86 -7.60
C ALA A 18 -0.51 3.96 -6.09
N LYS A 19 0.72 4.20 -5.60
CA LYS A 19 0.94 4.44 -4.19
C LYS A 19 0.24 5.71 -3.74
N SER A 20 0.51 6.80 -4.44
CA SER A 20 -0.10 8.09 -4.11
C SER A 20 -1.60 8.06 -4.37
N GLN A 21 -2.02 7.20 -5.29
CA GLN A 21 -3.43 7.06 -5.61
C GLN A 21 -4.19 6.57 -4.38
N LEU A 22 -3.66 5.55 -3.73
CA LEU A 22 -4.28 5.03 -2.52
C LEU A 22 -4.35 6.11 -1.45
N TYR A 23 -3.25 6.82 -1.25
CA TYR A 23 -3.21 7.88 -0.26
C TYR A 23 -4.27 8.93 -0.55
N ASN A 24 -4.30 9.40 -1.79
CA ASN A 24 -5.24 10.45 -2.18
C ASN A 24 -6.68 9.95 -2.06
N LEU A 25 -6.91 8.74 -2.55
CA LEU A 25 -8.24 8.14 -2.47
C LEU A 25 -8.73 8.12 -1.02
N CYS A 26 -7.89 7.66 -0.11
CA CYS A 26 -8.26 7.58 1.29
C CYS A 26 -8.50 8.98 1.85
N SER A 27 -7.63 9.92 1.51
CA SER A 27 -7.73 11.27 2.05
C SER A 27 -9.07 11.92 1.70
N VAL A 28 -9.45 11.81 0.42
CA VAL A 28 -10.68 12.44 -0.06
C VAL A 28 -11.90 11.88 0.67
N ARG A 29 -11.90 10.58 0.89
CA ARG A 29 -13.06 9.91 1.49
C ARG A 29 -12.93 9.86 3.02
N HIS A 30 -11.95 10.57 3.56
CA HIS A 30 -11.80 10.66 5.00
C HIS A 30 -11.55 9.29 5.60
N TRP A 31 -10.81 8.45 4.86
CA TRP A 31 -10.38 7.16 5.39
C TRP A 31 -9.00 7.28 6.04
N LYS A 32 -8.69 6.35 6.94
CA LYS A 32 -7.41 6.38 7.62
C LYS A 32 -6.27 6.31 6.62
N ALA A 33 -5.29 7.21 6.79
CA ALA A 33 -4.13 7.20 5.92
C ALA A 33 -3.46 5.82 5.93
N PRO A 34 -3.11 5.31 4.78
CA PRO A 34 -2.43 3.98 4.66
C PRO A 34 -1.18 3.88 5.52
N LEU A 35 -1.05 2.78 6.24
CA LEU A 35 0.15 2.51 7.02
C LEU A 35 1.03 1.52 6.29
N TYR A 36 2.35 1.73 6.35
CA TYR A 36 3.28 0.90 5.60
C TYR A 36 4.22 0.17 6.55
N GLU A 37 4.30 -1.16 6.40
CA GLU A 37 5.20 -1.96 7.21
C GLU A 37 6.04 -2.87 6.31
N TYR A 38 7.22 -3.25 6.80
CA TYR A 38 8.09 -4.12 6.05
C TYR A 38 8.67 -5.21 6.94
N ILE A 39 8.80 -6.42 6.40
CA ILE A 39 9.45 -7.50 7.12
C ILE A 39 10.59 -8.07 6.28
N ALA A 40 11.78 -8.14 6.87
CA ALA A 40 12.93 -8.72 6.19
C ALA A 40 13.13 -10.17 6.62
N GLU A 41 13.59 -10.99 5.67
CA GLU A 41 13.92 -12.38 5.99
C GLU A 41 14.96 -12.92 5.02
N GLY A 42 15.86 -13.77 5.51
CA GLY A 42 16.80 -14.46 4.64
C GLY A 42 18.19 -13.84 4.74
N PRO A 43 19.16 -14.47 4.15
CA PRO A 43 20.58 -14.01 4.19
C PRO A 43 20.80 -12.79 3.33
N CYS A 44 21.98 -12.18 3.45
CA CYS A 44 22.32 -11.01 2.64
C CYS A 44 22.40 -11.40 1.17
N HIS A 45 22.37 -12.71 0.91
CA HIS A 45 22.40 -13.20 -0.46
C HIS A 45 21.00 -13.14 -1.07
N MET A 46 19.98 -13.06 -0.22
CA MET A 46 18.60 -13.05 -0.71
C MET A 46 18.02 -11.64 -0.67
N LYS A 47 18.17 -10.97 0.47
CA LYS A 47 17.58 -9.64 0.66
C LYS A 47 16.13 -9.60 0.17
N ILE A 48 15.29 -10.43 0.78
CA ILE A 48 13.88 -10.49 0.37
C ILE A 48 13.00 -9.90 1.46
N PHE A 49 12.05 -9.07 1.05
CA PHE A 49 11.24 -8.33 2.00
C PHE A 49 9.75 -8.55 1.73
N THR A 50 8.95 -8.58 2.78
CA THR A 50 7.51 -8.46 2.64
C THR A 50 7.05 -7.02 2.83
N GLY A 51 6.27 -6.51 1.90
CA GLY A 51 5.62 -5.22 2.08
C GLY A 51 4.18 -5.40 2.53
N LYS A 52 3.74 -4.56 3.47
CA LYS A 52 2.36 -4.60 3.92
C LYS A 52 1.78 -3.19 3.99
N VAL A 53 0.53 -3.04 3.54
CA VAL A 53 -0.18 -1.78 3.65
C VAL A 53 -1.53 -1.97 4.34
N THR A 54 -1.79 -1.14 5.34
CA THR A 54 -3.03 -1.27 6.11
C THR A 54 -3.89 -0.02 5.96
N VAL A 55 -5.16 -0.23 5.64
CA VAL A 55 -6.11 0.88 5.52
C VAL A 55 -7.40 0.61 6.28
N GLU A 56 -7.87 1.61 7.02
CA GLU A 56 -9.09 1.44 7.80
C GLU A 56 -10.18 2.37 7.29
N MET A 57 -11.38 1.84 7.11
CA MET A 57 -12.47 2.64 6.55
C MET A 57 -13.12 3.50 7.64
N LYS A 58 -13.39 2.88 8.79
CA LYS A 58 -14.02 3.60 9.89
C LYS A 58 -15.22 4.40 9.40
N GLU A 59 -16.24 3.69 8.94
CA GLU A 59 -17.45 4.33 8.46
C GLU A 59 -18.42 4.56 9.61
N ASP A 60 -19.48 5.32 9.34
CA ASP A 60 -20.45 5.65 10.38
C ASP A 60 -21.10 4.41 10.95
N SER A 61 -21.30 3.39 10.11
CA SER A 61 -22.06 2.22 10.49
C SER A 61 -21.40 0.94 10.00
N ARG A 62 -20.10 1.03 9.72
CA ARG A 62 -19.35 -0.13 9.25
C ARG A 62 -17.87 0.02 9.56
N ILE A 63 -17.28 -1.00 10.17
CA ILE A 63 -15.84 -1.01 10.40
C ILE A 63 -15.17 -2.07 9.52
N THR A 64 -14.38 -1.61 8.56
CA THR A 64 -13.67 -2.51 7.65
C THR A 64 -12.18 -2.21 7.64
N VAL A 65 -11.37 -3.25 7.74
CA VAL A 65 -9.92 -3.07 7.74
C VAL A 65 -9.30 -3.82 6.58
N LEU A 66 -8.44 -3.13 5.82
CA LEU A 66 -7.74 -3.75 4.70
C LEU A 66 -6.31 -4.09 5.09
N GLU A 67 -5.92 -5.33 4.85
CA GLU A 67 -4.53 -5.74 5.07
C GLU A 67 -3.98 -6.44 3.83
N CYS A 68 -3.16 -5.73 3.06
CA CYS A 68 -2.59 -6.29 1.84
C CYS A 68 -1.08 -6.40 1.96
N PHE A 69 -0.51 -7.44 1.35
CA PHE A 69 0.92 -7.65 1.44
C PHE A 69 1.41 -8.49 0.26
N GLY A 70 2.72 -8.50 0.05
CA GLY A 70 3.32 -9.44 -0.88
C GLY A 70 4.66 -9.94 -0.35
N ASN A 71 4.83 -11.26 -0.38
CA ASN A 71 5.96 -11.89 0.30
C ASN A 71 7.17 -11.99 -0.63
N PRO A 72 7.03 -12.56 -1.81
CA PRO A 72 8.19 -12.79 -2.72
C PRO A 72 8.62 -11.53 -3.46
N GLN A 73 8.98 -10.49 -2.71
CA GLN A 73 9.35 -9.23 -3.32
C GLN A 73 10.80 -8.89 -3.02
N TYR A 74 11.59 -8.66 -4.07
CA TYR A 74 13.00 -8.37 -3.90
C TYR A 74 13.21 -7.00 -3.26
N LYS A 75 12.44 -6.01 -3.71
CA LYS A 75 12.59 -4.65 -3.22
C LYS A 75 11.40 -4.26 -2.35
N LYS A 76 11.68 -3.90 -1.11
CA LYS A 76 10.60 -3.61 -0.17
C LYS A 76 9.77 -2.42 -0.64
N LYS A 77 10.40 -1.51 -1.37
CA LYS A 77 9.71 -0.31 -1.85
C LYS A 77 8.59 -0.69 -2.84
N ILE A 78 8.88 -1.66 -3.69
CA ILE A 78 7.90 -2.12 -4.66
C ILE A 78 6.84 -2.99 -3.99
N ALA A 79 7.28 -3.78 -3.01
CA ALA A 79 6.35 -4.62 -2.27
C ALA A 79 5.23 -3.78 -1.69
N ALA A 80 5.57 -2.60 -1.16
CA ALA A 80 4.57 -1.71 -0.62
C ALA A 80 3.59 -1.27 -1.70
N GLU A 81 4.13 -0.97 -2.88
CA GLU A 81 3.29 -0.57 -4.01
C GLU A 81 2.38 -1.70 -4.43
N GLN A 82 2.91 -2.92 -4.40
CA GLN A 82 2.11 -4.09 -4.75
C GLN A 82 0.93 -4.25 -3.79
N ALA A 83 1.20 -4.06 -2.50
CA ALA A 83 0.14 -4.12 -1.50
C ALA A 83 -0.85 -2.99 -1.69
N ALA A 84 -0.34 -1.81 -2.03
CA ALA A 84 -1.20 -0.64 -2.24
C ALA A 84 -2.17 -0.88 -3.38
N GLU A 85 -1.66 -1.47 -4.46
CA GLU A 85 -2.50 -1.79 -5.61
C GLU A 85 -3.63 -2.74 -5.21
N ALA A 86 -3.28 -3.78 -4.45
CA ALA A 86 -4.28 -4.71 -3.95
C ALA A 86 -5.31 -3.98 -3.09
N ALA A 87 -4.83 -3.04 -2.28
CA ALA A 87 -5.72 -2.28 -1.41
C ALA A 87 -6.76 -1.52 -2.24
N LEU A 88 -6.31 -0.92 -3.34
CA LEU A 88 -7.21 -0.19 -4.23
C LEU A 88 -8.30 -1.12 -4.76
N TRP A 89 -7.91 -2.33 -5.13
CA TRP A 89 -8.88 -3.30 -5.61
C TRP A 89 -9.91 -3.60 -4.54
N TYR A 90 -9.44 -3.83 -3.31
CA TYR A 90 -10.34 -4.14 -2.21
C TYR A 90 -11.29 -2.96 -1.94
N LEU A 91 -10.74 -1.75 -2.02
CA LEU A 91 -11.52 -0.55 -1.72
C LEU A 91 -12.66 -0.41 -2.72
N LYS A 92 -12.42 -0.81 -3.95
CA LYS A 92 -13.46 -0.80 -4.97
C LYS A 92 -14.61 -1.70 -4.58
N ASN A 93 -14.28 -2.86 -4.01
CA ASN A 93 -15.31 -3.78 -3.53
C ASN A 93 -16.02 -3.21 -2.30
N VAL A 94 -15.27 -2.51 -1.47
CA VAL A 94 -15.86 -1.82 -0.32
C VAL A 94 -16.84 -0.75 -0.78
N GLY A 95 -16.45 0.00 -1.82
CA GLY A 95 -17.29 1.05 -2.35
C GLY A 95 -16.59 2.41 -2.22
N LEU A 96 -16.44 3.09 -3.35
CA LEU A 96 -15.77 4.39 -3.36
C LEU A 96 -16.80 5.52 -3.37
N GLU A 97 -16.93 6.21 -2.24
CA GLU A 97 -17.93 7.26 -2.12
C GLU A 97 -17.27 8.57 -1.67
N GLY A 1 1.49 14.18 5.59
CA GLY A 1 2.95 14.05 5.86
C GLY A 1 3.17 12.99 6.94
N ALA A 2 2.53 13.19 8.09
CA ALA A 2 2.74 12.30 9.23
C ALA A 2 2.37 10.86 8.87
N MET A 3 1.38 10.72 8.00
CA MET A 3 0.86 9.39 7.67
C MET A 3 1.66 8.76 6.53
N THR A 4 2.62 9.49 6.00
CA THR A 4 3.38 9.02 4.85
C THR A 4 4.56 8.17 5.28
N THR A 5 4.54 6.90 4.92
CA THR A 5 5.62 5.99 5.30
C THR A 5 6.78 6.09 4.33
N GLU A 6 7.98 6.31 4.88
CA GLU A 6 9.16 6.47 4.05
C GLU A 6 8.88 7.35 2.84
N PRO A 7 8.72 8.62 3.05
CA PRO A 7 8.45 9.60 1.96
C PRO A 7 9.53 9.59 0.89
N THR A 8 9.14 9.81 -0.36
CA THR A 8 10.10 9.89 -1.44
C THR A 8 10.26 11.33 -1.92
N THR A 9 11.31 11.57 -2.69
CA THR A 9 11.64 12.93 -3.12
C THR A 9 11.54 13.06 -4.64
N GLU A 10 11.42 11.92 -5.33
CA GLU A 10 11.38 11.93 -6.78
C GLU A 10 9.96 12.21 -7.28
N GLU A 11 9.84 13.27 -8.06
CA GLU A 11 8.52 13.74 -8.49
C GLU A 11 7.76 12.62 -9.21
N GLU A 12 8.45 11.93 -10.10
CA GLU A 12 7.82 10.88 -10.90
C GLU A 12 7.27 9.78 -10.01
N THR A 13 8.02 9.42 -8.98
CA THR A 13 7.56 8.44 -8.01
C THR A 13 6.37 8.98 -7.23
N GLN A 14 6.46 10.24 -6.80
CA GLN A 14 5.41 10.83 -5.98
C GLN A 14 4.08 10.83 -6.73
N ARG A 15 4.14 11.09 -8.03
CA ARG A 15 2.94 11.20 -8.84
C ARG A 15 2.41 9.82 -9.21
N SER A 16 3.33 8.91 -9.53
CA SER A 16 2.95 7.68 -10.22
C SER A 16 2.71 6.57 -9.22
N SER A 17 3.48 6.56 -8.13
CA SER A 17 3.55 5.40 -7.27
C SER A 17 2.16 5.00 -6.77
N ALA A 18 1.91 3.70 -6.70
CA ALA A 18 0.65 3.19 -6.17
C ALA A 18 0.43 3.66 -4.74
N LYS A 19 1.53 3.98 -4.05
CA LYS A 19 1.43 4.47 -2.68
C LYS A 19 0.63 5.76 -2.63
N SER A 20 1.02 6.73 -3.45
CA SER A 20 0.33 8.01 -3.48
C SER A 20 -1.12 7.84 -3.90
N GLN A 21 -1.36 6.91 -4.83
CA GLN A 21 -2.71 6.64 -5.28
C GLN A 21 -3.59 6.21 -4.12
N LEU A 22 -3.03 5.41 -3.22
CA LEU A 22 -3.78 4.90 -2.09
C LEU A 22 -4.03 6.02 -1.07
N TYR A 23 -3.01 6.84 -0.86
CA TYR A 23 -3.14 7.99 0.03
C TYR A 23 -4.22 8.94 -0.47
N ASN A 24 -4.28 9.11 -1.79
CA ASN A 24 -5.29 9.98 -2.38
C ASN A 24 -6.67 9.34 -2.25
N LEU A 25 -6.78 8.08 -2.64
CA LEU A 25 -8.07 7.40 -2.61
C LEU A 25 -8.68 7.44 -1.21
N CYS A 26 -7.88 7.06 -0.22
CA CYS A 26 -8.36 7.00 1.16
C CYS A 26 -8.86 8.37 1.61
N SER A 27 -8.10 9.41 1.25
CA SER A 27 -8.46 10.76 1.62
C SER A 27 -9.82 11.16 1.03
N VAL A 28 -10.00 10.82 -0.25
CA VAL A 28 -11.25 11.15 -0.94
C VAL A 28 -12.43 10.46 -0.28
N ARG A 29 -12.21 9.21 0.13
CA ARG A 29 -13.28 8.39 0.66
C ARG A 29 -13.44 8.63 2.17
N HIS A 30 -12.70 9.62 2.70
CA HIS A 30 -12.77 9.94 4.13
C HIS A 30 -12.34 8.76 4.99
N TRP A 31 -11.39 7.99 4.48
CA TRP A 31 -10.84 6.85 5.23
C TRP A 31 -9.42 7.16 5.70
N LYS A 32 -9.01 6.50 6.78
CA LYS A 32 -7.71 6.77 7.36
C LYS A 32 -6.60 6.45 6.36
N ALA A 33 -5.64 7.37 6.26
CA ALA A 33 -4.54 7.18 5.33
C ALA A 33 -3.80 5.88 5.62
N PRO A 34 -3.24 5.25 4.62
CA PRO A 34 -2.53 3.95 4.76
C PRO A 34 -1.26 4.07 5.58
N LEU A 35 -0.95 3.01 6.32
CA LEU A 35 0.38 2.86 6.90
C LEU A 35 1.08 1.63 6.33
N TYR A 36 2.37 1.75 6.02
CA TYR A 36 3.10 0.66 5.40
C TYR A 36 4.11 0.07 6.38
N GLU A 37 4.36 -1.23 6.25
CA GLU A 37 5.45 -1.88 6.97
C GLU A 37 6.07 -2.98 6.14
N TYR A 38 7.26 -3.42 6.54
CA TYR A 38 8.00 -4.43 5.78
C TYR A 38 8.50 -5.53 6.70
N ILE A 39 8.36 -6.78 6.24
CA ILE A 39 8.84 -7.91 7.01
C ILE A 39 9.87 -8.71 6.21
N ALA A 40 11.09 -8.80 6.74
CA ALA A 40 12.14 -9.53 6.07
C ALA A 40 11.80 -11.02 6.03
N GLU A 41 12.22 -11.69 4.95
CA GLU A 41 11.98 -13.11 4.81
C GLU A 41 13.01 -13.74 3.87
N GLY A 42 13.20 -15.05 4.00
CA GLY A 42 14.01 -15.79 3.05
C GLY A 42 15.49 -15.69 3.41
N PRO A 43 16.32 -16.37 2.68
CA PRO A 43 17.79 -16.35 2.89
C PRO A 43 18.42 -15.03 2.45
N CYS A 44 19.64 -14.79 2.90
CA CYS A 44 20.38 -13.59 2.50
C CYS A 44 20.62 -13.58 0.99
N HIS A 45 20.39 -14.72 0.35
CA HIS A 45 20.57 -14.82 -1.10
C HIS A 45 19.36 -14.24 -1.84
N MET A 46 18.23 -14.12 -1.16
CA MET A 46 17.03 -13.61 -1.80
C MET A 46 16.66 -12.23 -1.27
N LYS A 47 16.88 -12.02 0.03
CA LYS A 47 16.57 -10.75 0.67
C LYS A 47 15.15 -10.31 0.33
N ILE A 48 14.17 -11.10 0.79
CA ILE A 48 12.77 -10.78 0.53
C ILE A 48 12.23 -9.85 1.61
N PHE A 49 11.52 -8.81 1.18
CA PHE A 49 10.92 -7.87 2.12
C PHE A 49 9.41 -7.79 1.91
N THR A 50 8.67 -8.62 2.65
CA THR A 50 7.22 -8.64 2.51
C THR A 50 6.63 -7.26 2.76
N GLY A 51 5.84 -6.77 1.80
CA GLY A 51 5.20 -5.48 1.96
C GLY A 51 3.80 -5.64 2.51
N LYS A 52 3.44 -4.77 3.45
CA LYS A 52 2.07 -4.76 3.98
C LYS A 52 1.57 -3.34 4.16
N VAL A 53 0.30 -3.11 3.85
CA VAL A 53 -0.32 -1.81 4.08
C VAL A 53 -1.63 -1.96 4.85
N THR A 54 -1.87 -1.08 5.80
CA THR A 54 -3.10 -1.12 6.59
C THR A 54 -3.92 0.15 6.36
N VAL A 55 -5.20 -0.04 6.04
CA VAL A 55 -6.11 1.08 5.91
C VAL A 55 -7.33 0.90 6.82
N GLU A 56 -7.52 1.82 7.75
CA GLU A 56 -8.67 1.75 8.65
C GLU A 56 -9.86 2.49 8.04
N MET A 57 -10.90 1.75 7.71
CA MET A 57 -12.02 2.31 6.97
C MET A 57 -13.05 2.92 7.92
N LYS A 58 -13.33 2.22 9.01
CA LYS A 58 -14.24 2.73 10.02
C LYS A 58 -15.55 3.22 9.38
N GLU A 59 -16.34 2.29 8.88
CA GLU A 59 -17.47 2.63 8.03
C GLU A 59 -18.62 3.17 8.86
N ASP A 60 -19.53 3.90 8.23
CA ASP A 60 -20.55 4.66 8.95
C ASP A 60 -21.24 3.80 10.01
N SER A 61 -21.47 2.53 9.68
CA SER A 61 -22.24 1.65 10.55
C SER A 61 -21.46 0.37 10.87
N ARG A 62 -20.16 0.37 10.62
CA ARG A 62 -19.34 -0.81 10.82
C ARG A 62 -17.86 -0.44 10.87
N ILE A 63 -17.17 -0.90 11.90
CA ILE A 63 -15.74 -0.63 12.03
C ILE A 63 -14.93 -1.74 11.38
N THR A 64 -14.27 -1.41 10.27
CA THR A 64 -13.52 -2.43 9.53
C THR A 64 -12.10 -1.94 9.23
N VAL A 65 -11.16 -2.87 9.12
CA VAL A 65 -9.80 -2.52 8.73
C VAL A 65 -9.33 -3.39 7.57
N LEU A 66 -8.74 -2.75 6.57
CA LEU A 66 -8.23 -3.49 5.42
C LEU A 66 -6.73 -3.70 5.53
N GLU A 67 -6.30 -4.96 5.42
CA GLU A 67 -4.88 -5.27 5.45
C GLU A 67 -4.46 -6.04 4.20
N CYS A 68 -3.56 -5.46 3.41
CA CYS A 68 -3.09 -6.12 2.21
C CYS A 68 -1.58 -6.25 2.23
N PHE A 69 -1.07 -7.29 1.58
CA PHE A 69 0.37 -7.56 1.60
C PHE A 69 0.78 -8.34 0.37
N GLY A 70 2.09 -8.38 0.11
CA GLY A 70 2.62 -9.27 -0.91
C GLY A 70 3.98 -9.83 -0.47
N ASN A 71 4.17 -11.13 -0.71
CA ASN A 71 5.29 -11.85 -0.10
C ASN A 71 6.52 -11.85 -1.02
N PRO A 72 6.34 -12.15 -2.29
CA PRO A 72 7.48 -12.34 -3.23
C PRO A 72 8.06 -11.02 -3.73
N GLN A 73 8.67 -10.26 -2.80
CA GLN A 73 9.11 -8.92 -3.12
C GLN A 73 10.59 -8.75 -2.80
N TYR A 74 11.38 -8.44 -3.82
CA TYR A 74 12.83 -8.34 -3.63
C TYR A 74 13.24 -6.92 -3.30
N LYS A 75 12.30 -5.99 -3.45
CA LYS A 75 12.60 -4.59 -3.18
C LYS A 75 11.47 -3.96 -2.35
N LYS A 76 11.85 -3.20 -1.33
CA LYS A 76 10.87 -2.60 -0.44
C LYS A 76 9.92 -1.68 -1.20
N LYS A 77 10.47 -0.88 -2.11
CA LYS A 77 9.66 0.07 -2.86
C LYS A 77 8.55 -0.63 -3.62
N ILE A 78 8.90 -1.70 -4.31
CA ILE A 78 7.93 -2.46 -5.08
C ILE A 78 6.95 -3.15 -4.15
N ALA A 79 7.46 -3.72 -3.07
CA ALA A 79 6.61 -4.41 -2.12
C ALA A 79 5.48 -3.50 -1.64
N ALA A 80 5.82 -2.25 -1.33
CA ALA A 80 4.83 -1.30 -0.84
C ALA A 80 3.77 -1.03 -1.91
N GLU A 81 4.23 -0.83 -3.15
CA GLU A 81 3.33 -0.45 -4.22
C GLU A 81 2.35 -1.57 -4.54
N GLN A 82 2.85 -2.80 -4.57
CA GLN A 82 2.01 -3.95 -4.87
C GLN A 82 0.99 -4.19 -3.77
N ALA A 83 1.43 -3.98 -2.52
CA ALA A 83 0.50 -4.02 -1.40
C ALA A 83 -0.55 -2.93 -1.53
N ALA A 84 -0.13 -1.74 -1.99
CA ALA A 84 -1.04 -0.64 -2.21
C ALA A 84 -2.03 -0.97 -3.32
N GLU A 85 -1.54 -1.60 -4.37
CA GLU A 85 -2.38 -1.96 -5.50
C GLU A 85 -3.49 -2.90 -5.07
N ALA A 86 -3.15 -3.86 -4.20
CA ALA A 86 -4.16 -4.76 -3.66
C ALA A 86 -5.20 -3.98 -2.86
N ALA A 87 -4.74 -3.01 -2.08
CA ALA A 87 -5.64 -2.18 -1.30
C ALA A 87 -6.53 -1.33 -2.22
N LEU A 88 -5.92 -0.80 -3.27
CA LEU A 88 -6.66 0.02 -4.22
C LEU A 88 -7.80 -0.76 -4.84
N TRP A 89 -7.52 -2.01 -5.20
CA TRP A 89 -8.54 -2.85 -5.82
C TRP A 89 -9.75 -2.99 -4.89
N TYR A 90 -9.50 -3.36 -3.66
CA TYR A 90 -10.59 -3.58 -2.70
C TYR A 90 -11.35 -2.29 -2.45
N LEU A 91 -10.61 -1.23 -2.10
CA LEU A 91 -11.24 -0.01 -1.60
C LEU A 91 -12.13 0.61 -2.67
N LYS A 92 -11.69 0.53 -3.92
CA LYS A 92 -12.47 1.07 -5.02
C LYS A 92 -13.77 0.30 -5.19
N ASN A 93 -13.68 -1.02 -5.08
CA ASN A 93 -14.86 -1.87 -5.25
C ASN A 93 -15.90 -1.56 -4.19
N VAL A 94 -15.43 -1.13 -3.02
CA VAL A 94 -16.33 -0.80 -1.93
C VAL A 94 -16.38 0.71 -1.72
N GLY A 95 -15.94 1.46 -2.73
CA GLY A 95 -15.90 2.91 -2.64
C GLY A 95 -17.28 3.49 -2.39
N LEU A 96 -18.30 2.87 -2.98
CA LEU A 96 -19.66 3.36 -2.86
C LEU A 96 -19.75 4.80 -3.35
N GLU A 97 -20.92 5.42 -3.14
CA GLU A 97 -21.12 6.80 -3.56
C GLU A 97 -20.83 6.96 -5.05
N GLY A 1 7.74 7.48 7.95
CA GLY A 1 8.09 6.05 8.13
C GLY A 1 6.83 5.21 8.20
N ALA A 2 6.06 5.39 9.27
CA ALA A 2 4.85 4.60 9.47
C ALA A 2 3.85 4.85 8.35
N MET A 3 3.70 6.12 7.98
CA MET A 3 2.71 6.49 6.96
C MET A 3 3.34 6.52 5.57
N THR A 4 4.60 6.94 5.50
CA THR A 4 5.31 6.99 4.23
C THR A 4 6.71 6.41 4.36
N THR A 5 7.06 5.49 3.47
CA THR A 5 8.37 4.88 3.49
C THR A 5 9.18 5.29 2.27
N GLU A 6 10.49 5.45 2.45
CA GLU A 6 11.37 5.77 1.34
C GLU A 6 10.69 6.74 0.37
N PRO A 7 10.50 7.96 0.79
CA PRO A 7 9.88 9.03 -0.06
C PRO A 7 10.66 9.23 -1.36
N THR A 8 9.93 9.55 -2.43
CA THR A 8 10.58 9.83 -3.71
C THR A 8 10.19 11.23 -4.20
N THR A 9 11.06 11.82 -5.02
CA THR A 9 10.87 13.19 -5.46
C THR A 9 10.71 13.26 -6.97
N GLU A 10 10.84 12.11 -7.65
CA GLU A 10 10.75 12.07 -9.10
C GLU A 10 9.31 12.04 -9.55
N GLU A 11 8.94 12.99 -10.39
CA GLU A 11 7.55 13.16 -10.81
C GLU A 11 7.02 11.86 -11.41
N GLU A 12 7.82 11.27 -12.30
CA GLU A 12 7.38 10.07 -13.03
C GLU A 12 7.12 8.93 -12.05
N THR A 13 7.96 8.81 -11.04
CA THR A 13 7.77 7.79 -10.02
C THR A 13 6.51 8.09 -9.20
N GLN A 14 6.34 9.35 -8.82
CA GLN A 14 5.21 9.73 -7.98
C GLN A 14 3.89 9.46 -8.69
N ARG A 15 3.86 9.74 -9.99
CA ARG A 15 2.65 9.52 -10.79
C ARG A 15 2.39 8.03 -10.96
N SER A 16 3.46 7.27 -11.12
CA SER A 16 3.33 5.84 -11.43
C SER A 16 3.05 5.05 -10.16
N SER A 17 3.62 5.49 -9.05
CA SER A 17 3.59 4.69 -7.82
C SER A 17 2.15 4.46 -7.38
N ALA A 18 1.83 3.21 -7.06
CA ALA A 18 0.51 2.86 -6.58
C ALA A 18 0.19 3.59 -5.27
N LYS A 19 1.25 3.97 -4.54
CA LYS A 19 1.08 4.59 -3.24
C LYS A 19 0.31 5.90 -3.36
N SER A 20 0.54 6.62 -4.46
CA SER A 20 -0.05 7.94 -4.63
C SER A 20 -1.57 7.83 -4.76
N GLN A 21 -2.02 6.82 -5.49
CA GLN A 21 -3.45 6.59 -5.65
C GLN A 21 -4.10 6.28 -4.31
N LEU A 22 -3.39 5.55 -3.47
CA LEU A 22 -3.93 5.12 -2.18
C LEU A 22 -4.02 6.32 -1.23
N TYR A 23 -3.02 7.17 -1.28
CA TYR A 23 -3.04 8.40 -0.49
C TYR A 23 -4.23 9.26 -0.87
N ASN A 24 -4.47 9.39 -2.17
CA ASN A 24 -5.56 10.23 -2.65
C ASN A 24 -6.91 9.56 -2.40
N LEU A 25 -7.00 8.28 -2.74
CA LEU A 25 -8.25 7.55 -2.56
C LEU A 25 -8.74 7.65 -1.11
N CYS A 26 -7.84 7.38 -0.17
CA CYS A 26 -8.20 7.40 1.24
C CYS A 26 -8.66 8.79 1.65
N SER A 27 -7.96 9.81 1.17
CA SER A 27 -8.28 11.19 1.50
C SER A 27 -9.69 11.54 1.02
N VAL A 28 -9.97 11.19 -0.24
CA VAL A 28 -11.25 11.53 -0.84
C VAL A 28 -12.39 10.83 -0.11
N ARG A 29 -12.15 9.58 0.26
CA ARG A 29 -13.20 8.75 0.83
C ARG A 29 -13.23 8.90 2.35
N HIS A 30 -12.44 9.83 2.88
CA HIS A 30 -12.41 10.10 4.32
C HIS A 30 -11.98 8.86 5.11
N TRP A 31 -11.05 8.10 4.53
CA TRP A 31 -10.45 6.97 5.24
C TRP A 31 -9.13 7.39 5.87
N LYS A 32 -8.66 6.60 6.84
CA LYS A 32 -7.35 6.82 7.42
C LYS A 32 -6.27 6.63 6.37
N ALA A 33 -5.29 7.52 6.38
CA ALA A 33 -4.14 7.37 5.49
C ALA A 33 -3.48 6.02 5.69
N PRO A 34 -2.94 5.45 4.65
CA PRO A 34 -2.31 4.09 4.71
C PRO A 34 -1.05 4.06 5.57
N LEU A 35 -0.89 2.98 6.33
CA LEU A 35 0.37 2.75 7.04
C LEU A 35 1.10 1.57 6.43
N TYR A 36 2.43 1.66 6.38
CA TYR A 36 3.22 0.66 5.68
C TYR A 36 4.19 -0.02 6.64
N GLU A 37 4.49 -1.29 6.35
CA GLU A 37 5.57 -1.98 7.04
C GLU A 37 6.19 -3.05 6.14
N TYR A 38 7.37 -3.51 6.52
CA TYR A 38 8.05 -4.56 5.76
C TYR A 38 8.37 -5.75 6.67
N ILE A 39 8.23 -6.96 6.12
CA ILE A 39 8.59 -8.16 6.86
C ILE A 39 9.63 -8.96 6.09
N ALA A 40 10.79 -9.15 6.70
CA ALA A 40 11.87 -9.91 6.07
C ALA A 40 11.44 -11.36 5.87
N GLU A 41 11.91 -11.96 4.78
CA GLU A 41 11.61 -13.37 4.50
C GLU A 41 12.80 -14.04 3.83
N GLY A 42 13.06 -15.28 4.20
CA GLY A 42 14.08 -16.08 3.53
C GLY A 42 15.46 -15.77 4.10
N PRO A 43 16.46 -16.47 3.64
CA PRO A 43 17.87 -16.27 4.06
C PRO A 43 18.45 -14.98 3.48
N CYS A 44 19.62 -14.61 3.97
CA CYS A 44 20.34 -13.45 3.44
C CYS A 44 20.66 -13.62 1.97
N HIS A 45 20.49 -14.83 1.46
CA HIS A 45 20.75 -15.10 0.05
C HIS A 45 19.55 -14.72 -0.81
N MET A 46 18.39 -14.58 -0.20
CA MET A 46 17.18 -14.25 -0.95
C MET A 46 16.81 -12.78 -0.78
N LYS A 47 16.95 -12.28 0.43
CA LYS A 47 16.64 -10.88 0.73
C LYS A 47 15.24 -10.53 0.24
N ILE A 48 14.25 -11.26 0.71
CA ILE A 48 12.86 -10.96 0.37
C ILE A 48 12.25 -10.01 1.40
N PHE A 49 11.60 -8.95 0.90
CA PHE A 49 11.02 -7.95 1.78
C PHE A 49 9.51 -7.84 1.56
N THR A 50 8.75 -8.61 2.33
CA THR A 50 7.30 -8.59 2.19
C THR A 50 6.75 -7.20 2.50
N GLY A 51 5.96 -6.66 1.59
CA GLY A 51 5.34 -5.37 1.81
C GLY A 51 3.93 -5.53 2.38
N LYS A 52 3.58 -4.69 3.33
CA LYS A 52 2.23 -4.68 3.88
C LYS A 52 1.71 -3.26 4.05
N VAL A 53 0.43 -3.05 3.77
CA VAL A 53 -0.19 -1.75 4.00
C VAL A 53 -1.50 -1.93 4.77
N THR A 54 -1.76 -1.01 5.70
CA THR A 54 -3.00 -1.06 6.47
C THR A 54 -3.82 0.21 6.23
N VAL A 55 -5.10 0.03 5.93
CA VAL A 55 -6.01 1.16 5.76
C VAL A 55 -7.25 0.98 6.62
N GLU A 56 -7.48 1.92 7.53
CA GLU A 56 -8.66 1.85 8.39
C GLU A 56 -9.83 2.58 7.75
N MET A 57 -10.92 1.84 7.50
CA MET A 57 -12.09 2.43 6.90
C MET A 57 -13.08 2.89 7.97
N LYS A 58 -13.43 1.99 8.88
CA LYS A 58 -14.21 2.36 10.06
C LYS A 58 -15.30 3.37 9.68
N GLU A 59 -16.18 2.98 8.76
CA GLU A 59 -17.18 3.90 8.24
C GLU A 59 -18.43 3.88 9.12
N ASP A 60 -19.20 4.96 9.06
CA ASP A 60 -20.36 5.11 9.95
C ASP A 60 -21.29 3.89 9.86
N SER A 61 -21.38 3.32 8.67
CA SER A 61 -22.32 2.23 8.44
C SER A 61 -21.59 0.89 8.21
N ARG A 62 -20.26 0.91 8.35
CA ARG A 62 -19.45 -0.25 8.04
C ARG A 62 -18.09 -0.15 8.72
N ILE A 63 -17.90 -0.93 9.78
CA ILE A 63 -16.66 -0.89 10.53
C ILE A 63 -15.73 -2.01 10.09
N THR A 64 -14.60 -1.65 9.49
CA THR A 64 -13.66 -2.65 8.98
C THR A 64 -12.27 -2.04 8.80
N VAL A 65 -11.25 -2.88 8.90
CA VAL A 65 -9.90 -2.44 8.57
C VAL A 65 -9.27 -3.36 7.52
N LEU A 66 -8.65 -2.75 6.51
CA LEU A 66 -8.10 -3.52 5.40
C LEU A 66 -6.60 -3.71 5.57
N GLU A 67 -6.15 -4.96 5.47
CA GLU A 67 -4.72 -5.23 5.48
C GLU A 67 -4.32 -6.04 4.25
N CYS A 68 -3.42 -5.47 3.44
CA CYS A 68 -2.97 -6.14 2.23
C CYS A 68 -1.45 -6.25 2.22
N PHE A 69 -0.93 -7.24 1.51
CA PHE A 69 0.50 -7.48 1.47
C PHE A 69 0.90 -8.24 0.22
N GLY A 70 2.19 -8.24 -0.07
CA GLY A 70 2.72 -9.10 -1.12
C GLY A 70 4.08 -9.67 -0.73
N ASN A 71 4.27 -10.96 -0.99
CA ASN A 71 5.39 -11.69 -0.40
C ASN A 71 6.59 -11.71 -1.36
N PRO A 72 6.37 -12.01 -2.63
CA PRO A 72 7.50 -12.26 -3.58
C PRO A 72 8.09 -10.97 -4.12
N GLN A 73 8.66 -10.15 -3.24
CA GLN A 73 9.25 -8.89 -3.66
C GLN A 73 10.63 -8.70 -3.03
N TYR A 74 11.54 -8.11 -3.78
CA TYR A 74 12.93 -8.01 -3.34
C TYR A 74 13.32 -6.55 -3.09
N LYS A 75 12.37 -5.64 -3.33
CA LYS A 75 12.65 -4.22 -3.19
C LYS A 75 11.54 -3.56 -2.37
N LYS A 76 11.95 -2.78 -1.38
CA LYS A 76 10.99 -2.18 -0.45
C LYS A 76 10.04 -1.23 -1.18
N LYS A 77 10.56 -0.54 -2.20
CA LYS A 77 9.76 0.40 -2.96
C LYS A 77 8.62 -0.31 -3.68
N ILE A 78 8.94 -1.42 -4.31
CA ILE A 78 7.96 -2.17 -5.08
C ILE A 78 7.00 -2.90 -4.15
N ALA A 79 7.54 -3.49 -3.10
CA ALA A 79 6.72 -4.24 -2.17
C ALA A 79 5.62 -3.36 -1.60
N ALA A 80 5.97 -2.12 -1.26
CA ALA A 80 4.98 -1.19 -0.72
C ALA A 80 3.91 -0.89 -1.76
N GLU A 81 4.34 -0.66 -3.00
CA GLU A 81 3.40 -0.36 -4.07
C GLU A 81 2.50 -1.56 -4.35
N GLN A 82 3.09 -2.75 -4.30
CA GLN A 82 2.32 -3.98 -4.55
C GLN A 82 1.25 -4.17 -3.49
N ALA A 83 1.61 -3.90 -2.23
CA ALA A 83 0.64 -3.94 -1.15
C ALA A 83 -0.43 -2.86 -1.34
N ALA A 84 0.01 -1.67 -1.75
CA ALA A 84 -0.91 -0.57 -2.00
C ALA A 84 -1.87 -0.92 -3.13
N GLU A 85 -1.34 -1.54 -4.18
CA GLU A 85 -2.14 -1.90 -5.34
C GLU A 85 -3.23 -2.89 -4.95
N ALA A 86 -2.86 -3.88 -4.14
CA ALA A 86 -3.84 -4.84 -3.65
C ALA A 86 -4.92 -4.13 -2.82
N ALA A 87 -4.49 -3.16 -2.04
CA ALA A 87 -5.44 -2.38 -1.24
C ALA A 87 -6.38 -1.59 -2.14
N LEU A 88 -5.82 -1.02 -3.21
CA LEU A 88 -6.62 -0.22 -4.13
C LEU A 88 -7.72 -1.06 -4.76
N TRP A 89 -7.39 -2.29 -5.13
CA TRP A 89 -8.37 -3.19 -5.72
C TRP A 89 -9.60 -3.30 -4.82
N TYR A 90 -9.38 -3.69 -3.58
CA TYR A 90 -10.49 -3.82 -2.64
C TYR A 90 -11.19 -2.50 -2.42
N LEU A 91 -10.42 -1.47 -2.09
CA LEU A 91 -11.00 -0.21 -1.62
C LEU A 91 -11.86 0.43 -2.71
N LYS A 92 -11.39 0.33 -3.94
CA LYS A 92 -12.15 0.88 -5.08
C LYS A 92 -13.46 0.12 -5.26
N ASN A 93 -13.39 -1.21 -5.13
CA ASN A 93 -14.58 -2.04 -5.34
C ASN A 93 -15.64 -1.72 -4.30
N VAL A 94 -15.20 -1.33 -3.11
CA VAL A 94 -16.14 -1.02 -2.02
C VAL A 94 -16.26 0.48 -1.83
N GLY A 95 -15.70 1.25 -2.77
CA GLY A 95 -15.67 2.69 -2.63
C GLY A 95 -17.08 3.27 -2.55
N LEU A 96 -17.99 2.68 -3.33
CA LEU A 96 -19.36 3.18 -3.39
C LEU A 96 -19.38 4.65 -3.78
N GLU A 97 -20.57 5.23 -3.82
CA GLU A 97 -20.71 6.64 -4.15
C GLU A 97 -19.95 6.97 -5.43
N GLY A 1 6.05 22.72 -11.13
CA GLY A 1 4.58 22.78 -11.40
C GLY A 1 4.08 21.41 -11.81
N ALA A 2 3.82 21.25 -13.10
CA ALA A 2 3.35 19.97 -13.62
C ALA A 2 3.64 19.85 -15.11
N MET A 3 3.70 18.62 -15.61
CA MET A 3 3.84 18.39 -17.04
C MET A 3 3.02 17.18 -17.47
N THR A 4 2.80 17.04 -18.77
CA THR A 4 2.25 15.82 -19.32
C THR A 4 2.83 15.55 -20.71
N THR A 5 2.90 14.28 -21.08
CA THR A 5 3.47 13.90 -22.36
C THR A 5 2.85 12.61 -22.87
N GLU A 6 2.98 12.36 -24.16
CA GLU A 6 2.26 11.25 -24.81
C GLU A 6 2.67 9.90 -24.19
N PRO A 7 3.96 9.64 -24.09
CA PRO A 7 4.46 8.35 -23.49
C PRO A 7 4.44 8.36 -21.97
N THR A 8 3.68 9.30 -21.40
CA THR A 8 3.64 9.47 -19.95
C THR A 8 5.04 9.77 -19.41
N THR A 9 5.11 10.18 -18.15
CA THR A 9 6.39 10.50 -17.54
C THR A 9 6.38 10.11 -16.07
N GLU A 10 7.41 10.52 -15.37
CA GLU A 10 7.61 10.11 -13.98
C GLU A 10 6.48 10.63 -13.10
N GLU A 11 6.13 11.91 -13.30
CA GLU A 11 5.04 12.51 -12.54
C GLU A 11 3.74 11.74 -12.73
N GLU A 12 3.41 11.46 -13.98
CA GLU A 12 2.15 10.77 -14.29
C GLU A 12 2.15 9.38 -13.68
N THR A 13 3.30 8.73 -13.66
CA THR A 13 3.42 7.41 -13.05
C THR A 13 3.11 7.48 -11.55
N GLN A 14 3.72 8.44 -10.87
CA GLN A 14 3.56 8.59 -9.43
C GLN A 14 2.11 8.93 -9.08
N ARG A 15 1.50 9.75 -9.91
CA ARG A 15 0.10 10.13 -9.71
C ARG A 15 -0.81 8.93 -9.96
N SER A 16 -0.43 8.09 -10.93
CA SER A 16 -1.24 6.94 -11.27
C SER A 16 -0.98 5.78 -10.30
N SER A 17 0.19 5.81 -9.65
CA SER A 17 0.56 4.72 -8.76
C SER A 17 -0.54 4.45 -7.73
N ALA A 18 -0.70 3.19 -7.36
CA ALA A 18 -1.70 2.79 -6.38
C ALA A 18 -1.54 3.59 -5.08
N LYS A 19 -0.29 3.95 -4.78
CA LYS A 19 0.01 4.68 -3.55
C LYS A 19 -0.78 5.99 -3.50
N SER A 20 -0.87 6.67 -4.63
CA SER A 20 -1.52 7.98 -4.67
C SER A 20 -3.04 7.80 -4.63
N GLN A 21 -3.54 6.79 -5.34
CA GLN A 21 -4.97 6.54 -5.38
C GLN A 21 -5.48 6.16 -4.00
N LEU A 22 -4.66 5.44 -3.25
CA LEU A 22 -5.00 5.10 -1.87
C LEU A 22 -5.12 6.36 -1.02
N TYR A 23 -4.15 7.26 -1.14
CA TYR A 23 -4.17 8.49 -0.38
C TYR A 23 -5.36 9.36 -0.79
N ASN A 24 -5.62 9.41 -2.10
CA ASN A 24 -6.68 10.26 -2.62
C ASN A 24 -8.05 9.77 -2.16
N LEU A 25 -8.30 8.49 -2.34
CA LEU A 25 -9.58 7.91 -1.97
C LEU A 25 -9.82 8.07 -0.47
N CYS A 26 -8.81 7.75 0.32
CA CYS A 26 -8.92 7.84 1.77
C CYS A 26 -9.20 9.29 2.19
N SER A 27 -8.56 10.23 1.53
CA SER A 27 -8.75 11.64 1.86
C SER A 27 -10.20 12.05 1.62
N VAL A 28 -10.76 11.59 0.50
CA VAL A 28 -12.14 11.92 0.15
C VAL A 28 -13.11 11.31 1.16
N ARG A 29 -12.85 10.07 1.54
CA ARG A 29 -13.77 9.33 2.41
C ARG A 29 -13.42 9.51 3.88
N HIS A 30 -12.40 10.32 4.16
CA HIS A 30 -11.99 10.60 5.53
C HIS A 30 -11.56 9.31 6.23
N TRP A 31 -10.85 8.45 5.51
CA TRP A 31 -10.34 7.20 6.07
C TRP A 31 -8.95 7.41 6.65
N LYS A 32 -8.54 6.50 7.53
CA LYS A 32 -7.20 6.56 8.09
C LYS A 32 -6.15 6.43 6.99
N ALA A 33 -5.15 7.29 7.04
CA ALA A 33 -4.09 7.28 6.03
C ALA A 33 -3.50 5.87 5.89
N PRO A 34 -3.30 5.41 4.68
CA PRO A 34 -2.69 4.07 4.41
C PRO A 34 -1.36 3.90 5.15
N LEU A 35 -1.19 2.74 5.76
CA LEU A 35 0.05 2.44 6.48
C LEU A 35 0.88 1.42 5.69
N TYR A 36 2.20 1.60 5.72
CA TYR A 36 3.08 0.71 4.98
C TYR A 36 4.06 0.02 5.91
N GLU A 37 4.13 -1.31 5.81
CA GLU A 37 5.02 -2.08 6.67
C GLU A 37 5.86 -3.05 5.83
N TYR A 38 7.02 -3.44 6.37
CA TYR A 38 7.87 -4.41 5.68
C TYR A 38 8.33 -5.50 6.65
N ILE A 39 8.20 -6.75 6.23
CA ILE A 39 8.62 -7.87 7.07
C ILE A 39 9.69 -8.71 6.38
N ALA A 40 10.85 -8.81 7.01
CA ALA A 40 11.92 -9.62 6.44
C ALA A 40 11.47 -11.08 6.32
N GLU A 41 11.89 -11.75 5.25
CA GLU A 41 11.47 -13.13 5.01
C GLU A 41 12.51 -13.84 4.15
N GLY A 42 12.50 -15.17 4.20
CA GLY A 42 13.26 -15.96 3.25
C GLY A 42 14.70 -16.13 3.72
N PRO A 43 15.48 -16.88 2.98
CA PRO A 43 16.91 -17.13 3.30
C PRO A 43 17.71 -15.83 3.40
N CYS A 44 18.71 -15.82 4.27
CA CYS A 44 19.53 -14.63 4.45
C CYS A 44 20.36 -14.35 3.20
N HIS A 45 20.36 -15.31 2.27
CA HIS A 45 21.11 -15.14 1.03
C HIS A 45 20.22 -14.55 -0.06
N MET A 46 18.93 -14.42 0.22
CA MET A 46 18.03 -13.75 -0.71
C MET A 46 17.70 -12.34 -0.25
N LYS A 47 17.59 -12.18 1.08
CA LYS A 47 17.35 -10.85 1.66
C LYS A 47 16.11 -10.20 1.05
N ILE A 48 14.95 -10.83 1.24
CA ILE A 48 13.72 -10.32 0.67
C ILE A 48 12.76 -9.88 1.77
N PHE A 49 11.75 -9.11 1.38
CA PHE A 49 10.81 -8.56 2.35
C PHE A 49 9.38 -8.74 1.87
N THR A 50 8.46 -8.96 2.81
CA THR A 50 7.04 -8.84 2.51
C THR A 50 6.58 -7.39 2.61
N GLY A 51 5.93 -6.91 1.56
CA GLY A 51 5.33 -5.57 1.60
C GLY A 51 3.87 -5.64 2.01
N LYS A 52 3.49 -4.86 3.01
CA LYS A 52 2.14 -4.88 3.54
C LYS A 52 1.56 -3.46 3.59
N VAL A 53 0.31 -3.33 3.16
CA VAL A 53 -0.36 -2.04 3.22
C VAL A 53 -1.69 -2.18 3.96
N THR A 54 -1.91 -1.32 4.95
CA THR A 54 -3.11 -1.39 5.77
C THR A 54 -3.95 -0.13 5.64
N VAL A 55 -5.26 -0.30 5.45
CA VAL A 55 -6.17 0.83 5.42
C VAL A 55 -7.34 0.60 6.38
N GLU A 56 -7.66 1.60 7.19
CA GLU A 56 -8.80 1.50 8.07
C GLU A 56 -9.95 2.39 7.57
N MET A 57 -11.07 1.76 7.26
CA MET A 57 -12.18 2.48 6.61
C MET A 57 -13.30 2.75 7.60
N LYS A 58 -13.94 3.91 7.47
CA LYS A 58 -15.16 4.17 8.22
C LYS A 58 -16.38 3.97 7.34
N GLU A 59 -17.37 3.26 7.86
CA GLU A 59 -18.63 3.07 7.15
C GLU A 59 -19.75 3.80 7.89
N ASP A 60 -21.00 3.60 7.43
CA ASP A 60 -22.13 4.34 7.97
C ASP A 60 -22.22 4.15 9.48
N SER A 61 -21.92 2.93 9.95
CA SER A 61 -21.97 2.65 11.38
C SER A 61 -21.03 1.51 11.73
N ARG A 62 -20.01 1.31 10.89
CA ARG A 62 -19.09 0.19 11.08
C ARG A 62 -17.65 0.63 10.84
N ILE A 63 -16.70 -0.08 11.46
CA ILE A 63 -15.30 0.08 11.11
C ILE A 63 -14.77 -1.19 10.45
N THR A 64 -14.11 -1.03 9.30
CA THR A 64 -13.56 -2.17 8.58
C THR A 64 -12.08 -1.95 8.29
N VAL A 65 -11.28 -2.98 8.50
CA VAL A 65 -9.84 -2.88 8.28
C VAL A 65 -9.42 -3.78 7.13
N LEU A 66 -8.68 -3.22 6.18
CA LEU A 66 -8.19 -4.00 5.05
C LEU A 66 -6.67 -4.16 5.12
N GLU A 67 -6.21 -5.40 5.02
CA GLU A 67 -4.77 -5.66 5.02
C GLU A 67 -4.38 -6.52 3.83
N CYS A 68 -3.51 -5.99 2.97
CA CYS A 68 -3.00 -6.75 1.83
C CYS A 68 -1.48 -6.74 1.83
N PHE A 69 -0.88 -7.77 1.25
CA PHE A 69 0.58 -7.88 1.22
C PHE A 69 1.03 -8.78 0.09
N GLY A 70 2.31 -8.72 -0.23
CA GLY A 70 2.91 -9.69 -1.13
C GLY A 70 4.28 -10.13 -0.63
N ASN A 71 4.55 -11.43 -0.75
CA ASN A 71 5.71 -12.03 -0.10
C ASN A 71 6.92 -12.02 -1.02
N PRO A 72 6.76 -12.35 -2.29
CA PRO A 72 7.92 -12.52 -3.22
C PRO A 72 8.43 -11.20 -3.78
N GLN A 73 8.99 -10.37 -2.91
CA GLN A 73 9.41 -9.03 -3.31
C GLN A 73 10.85 -8.77 -2.89
N TYR A 74 11.69 -8.43 -3.86
CA TYR A 74 13.12 -8.30 -3.62
C TYR A 74 13.48 -6.84 -3.32
N LYS A 75 12.51 -5.95 -3.43
CA LYS A 75 12.74 -4.54 -3.17
C LYS A 75 11.57 -3.95 -2.40
N LYS A 76 11.89 -3.19 -1.36
CA LYS A 76 10.84 -2.59 -0.54
C LYS A 76 9.99 -1.63 -1.36
N LYS A 77 10.63 -0.89 -2.26
CA LYS A 77 9.91 0.06 -3.10
C LYS A 77 8.80 -0.64 -3.88
N ILE A 78 9.14 -1.75 -4.52
CA ILE A 78 8.18 -2.48 -5.33
C ILE A 78 7.15 -3.17 -4.46
N ALA A 79 7.62 -3.79 -3.38
CA ALA A 79 6.74 -4.51 -2.48
C ALA A 79 5.62 -3.60 -1.98
N ALA A 80 5.99 -2.38 -1.62
CA ALA A 80 5.00 -1.42 -1.11
C ALA A 80 3.97 -1.10 -2.18
N GLU A 81 4.42 -0.91 -3.42
CA GLU A 81 3.55 -0.45 -4.49
C GLU A 81 2.57 -1.55 -4.90
N GLN A 82 3.11 -2.76 -5.10
CA GLN A 82 2.28 -3.88 -5.54
C GLN A 82 1.28 -4.27 -4.46
N ALA A 83 1.72 -4.22 -3.20
CA ALA A 83 0.82 -4.45 -2.09
C ALA A 83 -0.25 -3.35 -2.03
N ALA A 84 0.16 -2.12 -2.32
CA ALA A 84 -0.79 -1.01 -2.35
C ALA A 84 -1.83 -1.24 -3.44
N GLU A 85 -1.39 -1.75 -4.58
CA GLU A 85 -2.31 -2.06 -5.67
C GLU A 85 -3.34 -3.10 -5.24
N ALA A 86 -2.87 -4.14 -4.56
CA ALA A 86 -3.75 -5.14 -4.00
C ALA A 86 -4.71 -4.52 -3.00
N ALA A 87 -4.19 -3.67 -2.13
CA ALA A 87 -5.01 -2.97 -1.15
C ALA A 87 -6.02 -2.07 -1.86
N LEU A 88 -5.59 -1.41 -2.92
CA LEU A 88 -6.45 -0.47 -3.62
C LEU A 88 -7.62 -1.18 -4.28
N TRP A 89 -7.34 -2.30 -4.95
CA TRP A 89 -8.38 -3.06 -5.63
C TRP A 89 -9.44 -3.52 -4.62
N TYR A 90 -8.99 -4.10 -3.52
CA TYR A 90 -9.90 -4.52 -2.46
C TYR A 90 -10.60 -3.33 -1.83
N LEU A 91 -9.84 -2.25 -1.62
CA LEU A 91 -10.35 -1.09 -0.91
C LEU A 91 -11.56 -0.52 -1.65
N LYS A 92 -11.44 -0.39 -2.96
CA LYS A 92 -12.55 0.11 -3.76
C LYS A 92 -13.76 -0.82 -3.66
N ASN A 93 -13.50 -2.13 -3.68
CA ASN A 93 -14.59 -3.11 -3.64
C ASN A 93 -15.39 -2.98 -2.34
N VAL A 94 -14.71 -2.59 -1.27
CA VAL A 94 -15.36 -2.47 0.04
C VAL A 94 -15.51 -1.00 0.42
N GLY A 95 -15.51 -0.11 -0.58
CA GLY A 95 -15.64 1.31 -0.32
C GLY A 95 -17.09 1.74 -0.24
N LEU A 96 -17.33 3.04 -0.35
CA LEU A 96 -18.68 3.56 -0.22
C LEU A 96 -19.16 4.13 -1.55
N GLU A 97 -20.46 4.07 -1.77
CA GLU A 97 -21.05 4.60 -3.00
C GLU A 97 -20.38 3.99 -4.23
N GLY A 1 -4.01 13.81 0.87
CA GLY A 1 -4.46 14.60 2.04
C GLY A 1 -4.05 13.90 3.32
N ALA A 2 -4.61 12.71 3.54
CA ALA A 2 -4.33 11.96 4.76
C ALA A 2 -2.85 11.62 4.85
N MET A 3 -2.24 11.30 3.72
CA MET A 3 -0.81 11.03 3.68
C MET A 3 -0.27 11.20 2.28
N THR A 4 0.95 11.71 2.17
CA THR A 4 1.59 11.88 0.87
C THR A 4 3.00 11.28 0.89
N THR A 5 3.46 10.83 -0.28
CA THR A 5 4.85 10.39 -0.41
C THR A 5 5.45 10.92 -1.71
N GLU A 6 6.77 10.84 -1.84
CA GLU A 6 7.45 11.32 -3.02
C GLU A 6 8.46 10.28 -3.52
N PRO A 7 7.97 9.18 -3.99
CA PRO A 7 8.82 8.07 -4.54
C PRO A 7 9.46 8.46 -5.87
N THR A 8 8.90 9.48 -6.53
CA THR A 8 9.36 9.87 -7.85
C THR A 8 8.88 11.28 -8.19
N THR A 9 9.52 11.90 -9.15
CA THR A 9 9.09 13.21 -9.65
C THR A 9 8.54 13.09 -11.07
N GLU A 10 8.52 11.86 -11.59
CA GLU A 10 8.04 11.62 -12.95
C GLU A 10 6.53 11.45 -12.95
N GLU A 11 5.84 12.35 -13.64
CA GLU A 11 4.38 12.39 -13.60
C GLU A 11 3.80 11.05 -14.03
N GLU A 12 4.36 10.49 -15.10
CA GLU A 12 3.82 9.26 -15.68
C GLU A 12 3.86 8.13 -14.67
N THR A 13 4.95 8.04 -13.92
CA THR A 13 5.07 7.02 -12.88
C THR A 13 4.10 7.31 -11.74
N GLN A 14 3.98 8.59 -11.38
CA GLN A 14 3.08 8.98 -10.29
C GLN A 14 1.66 8.55 -10.59
N ARG A 15 1.26 8.64 -11.85
CA ARG A 15 -0.08 8.22 -12.27
C ARG A 15 -0.25 6.72 -12.05
N SER A 16 0.80 5.96 -12.33
CA SER A 16 0.72 4.50 -12.23
C SER A 16 0.95 4.06 -10.79
N SER A 17 1.56 4.92 -9.98
CA SER A 17 1.87 4.56 -8.60
C SER A 17 0.60 4.18 -7.87
N ALA A 18 0.55 2.92 -7.42
CA ALA A 18 -0.59 2.43 -6.66
C ALA A 18 -0.74 3.19 -5.34
N LYS A 19 0.38 3.48 -4.71
CA LYS A 19 0.36 4.22 -3.45
C LYS A 19 -0.27 5.59 -3.66
N SER A 20 0.09 6.25 -4.76
CA SER A 20 -0.43 7.59 -5.02
C SER A 20 -1.95 7.56 -5.21
N GLN A 21 -2.43 6.59 -5.98
CA GLN A 21 -3.87 6.43 -6.17
C GLN A 21 -4.56 6.06 -4.84
N LEU A 22 -3.88 5.24 -4.06
CA LEU A 22 -4.43 4.80 -2.77
C LEU A 22 -4.56 5.98 -1.82
N TYR A 23 -3.50 6.77 -1.72
CA TYR A 23 -3.52 7.94 -0.86
C TYR A 23 -4.67 8.88 -1.21
N ASN A 24 -4.85 9.09 -2.51
CA ASN A 24 -5.89 10.00 -2.98
C ASN A 24 -7.28 9.46 -2.67
N LEU A 25 -7.48 8.18 -2.97
CA LEU A 25 -8.77 7.54 -2.73
C LEU A 25 -9.13 7.61 -1.24
N CYS A 26 -8.17 7.25 -0.39
CA CYS A 26 -8.40 7.23 1.04
C CYS A 26 -8.74 8.63 1.54
N SER A 27 -8.06 9.63 0.99
CA SER A 27 -8.24 11.00 1.45
C SER A 27 -9.68 11.47 1.21
N VAL A 28 -10.15 11.28 -0.02
CA VAL A 28 -11.46 11.79 -0.41
C VAL A 28 -12.58 10.97 0.24
N ARG A 29 -12.25 9.75 0.64
CA ARG A 29 -13.21 8.90 1.34
C ARG A 29 -13.10 9.10 2.84
N HIS A 30 -12.20 9.99 3.26
CA HIS A 30 -12.02 10.27 4.68
C HIS A 30 -11.66 9.01 5.45
N TRP A 31 -10.86 8.16 4.82
CA TRP A 31 -10.37 6.94 5.49
C TRP A 31 -9.06 7.20 6.21
N LYS A 32 -8.75 6.36 7.19
CA LYS A 32 -7.56 6.55 8.01
C LYS A 32 -6.32 6.60 7.13
N ALA A 33 -5.42 7.54 7.43
CA ALA A 33 -4.15 7.62 6.73
C ALA A 33 -3.50 6.23 6.64
N PRO A 34 -3.21 5.77 5.46
CA PRO A 34 -2.64 4.41 5.24
C PRO A 34 -1.34 4.20 6.00
N LEU A 35 -1.19 3.02 6.59
CA LEU A 35 0.07 2.67 7.26
C LEU A 35 0.77 1.56 6.51
N TYR A 36 2.11 1.61 6.49
CA TYR A 36 2.89 0.61 5.77
C TYR A 36 3.92 -0.04 6.68
N GLU A 37 4.10 -1.34 6.53
CA GLU A 37 5.11 -2.06 7.31
C GLU A 37 5.96 -2.94 6.40
N TYR A 38 7.12 -3.34 6.89
CA TYR A 38 8.01 -4.20 6.11
C TYR A 38 8.53 -5.33 6.99
N ILE A 39 8.63 -6.53 6.40
CA ILE A 39 9.28 -7.65 7.06
C ILE A 39 10.40 -8.21 6.18
N ALA A 40 11.60 -8.26 6.74
CA ALA A 40 12.76 -8.73 5.98
C ALA A 40 13.09 -10.17 6.34
N GLU A 41 13.22 -11.02 5.33
CA GLU A 41 13.54 -12.43 5.56
C GLU A 41 14.61 -12.90 4.57
N GLY A 42 15.38 -13.90 4.97
CA GLY A 42 16.36 -14.50 4.08
C GLY A 42 17.75 -13.91 4.32
N PRO A 43 18.73 -14.40 3.62
CA PRO A 43 20.14 -13.97 3.79
C PRO A 43 20.43 -12.63 3.14
N CYS A 44 21.64 -12.12 3.32
CA CYS A 44 22.03 -10.86 2.72
C CYS A 44 21.95 -10.95 1.18
N HIS A 45 22.07 -12.17 0.65
CA HIS A 45 22.03 -12.37 -0.78
C HIS A 45 20.60 -12.61 -1.25
N MET A 46 20.07 -11.69 -2.05
CA MET A 46 18.71 -11.80 -2.55
C MET A 46 17.71 -11.86 -1.38
N LYS A 47 17.87 -10.94 -0.44
CA LYS A 47 16.97 -10.89 0.72
C LYS A 47 15.56 -10.55 0.27
N ILE A 48 14.58 -11.18 0.93
CA ILE A 48 13.19 -10.94 0.59
C ILE A 48 12.57 -9.89 1.53
N PHE A 49 11.87 -8.92 0.95
CA PHE A 49 11.22 -7.90 1.75
C PHE A 49 9.71 -7.92 1.53
N THR A 50 8.97 -8.34 2.55
CA THR A 50 7.52 -8.36 2.46
C THR A 50 6.93 -6.99 2.80
N GLY A 51 6.11 -6.46 1.89
CA GLY A 51 5.42 -5.21 2.15
C GLY A 51 4.02 -5.45 2.67
N LYS A 52 3.58 -4.62 3.61
CA LYS A 52 2.23 -4.68 4.12
C LYS A 52 1.61 -3.29 4.20
N VAL A 53 0.33 -3.19 3.84
CA VAL A 53 -0.39 -1.93 3.96
C VAL A 53 -1.67 -2.13 4.77
N THR A 54 -1.96 -1.19 5.66
CA THR A 54 -3.19 -1.25 6.45
C THR A 54 -3.99 0.04 6.28
N VAL A 55 -5.26 -0.10 5.93
CA VAL A 55 -6.15 1.04 5.83
C VAL A 55 -7.45 0.79 6.58
N GLU A 56 -7.74 1.62 7.58
CA GLU A 56 -8.97 1.46 8.36
C GLU A 56 -10.09 2.31 7.78
N MET A 57 -11.26 1.71 7.64
CA MET A 57 -12.37 2.36 6.94
C MET A 57 -13.03 3.40 7.83
N LYS A 58 -13.15 3.08 9.12
CA LYS A 58 -13.76 4.00 10.07
C LYS A 58 -15.09 4.52 9.54
N GLU A 59 -15.99 3.61 9.19
CA GLU A 59 -17.28 3.98 8.60
C GLU A 59 -18.24 4.49 9.66
N ASP A 60 -19.31 5.15 9.22
CA ASP A 60 -20.25 5.75 10.15
C ASP A 60 -20.90 4.68 11.04
N SER A 61 -21.14 3.51 10.47
CA SER A 61 -21.94 2.50 11.15
C SER A 61 -21.26 1.13 11.07
N ARG A 62 -20.04 1.09 10.55
CA ARG A 62 -19.32 -0.16 10.40
C ARG A 62 -17.87 0.00 10.89
N ILE A 63 -17.36 -1.04 11.52
CA ILE A 63 -15.96 -1.06 11.92
C ILE A 63 -15.23 -2.20 11.23
N THR A 64 -14.28 -1.84 10.36
CA THR A 64 -13.55 -2.85 9.60
C THR A 64 -12.22 -2.28 9.11
N VAL A 65 -11.26 -3.18 8.84
CA VAL A 65 -9.96 -2.75 8.34
C VAL A 65 -9.54 -3.60 7.15
N LEU A 66 -8.91 -2.97 6.18
CA LEU A 66 -8.34 -3.69 5.05
C LEU A 66 -6.82 -3.82 5.21
N GLU A 67 -6.33 -5.05 5.08
CA GLU A 67 -4.89 -5.28 5.12
C GLU A 67 -4.45 -6.14 3.93
N CYS A 68 -3.37 -5.73 3.29
CA CYS A 68 -2.81 -6.51 2.18
C CYS A 68 -1.29 -6.54 2.27
N PHE A 69 -0.67 -7.46 1.52
CA PHE A 69 0.78 -7.59 1.56
C PHE A 69 1.27 -8.27 0.28
N GLY A 70 2.58 -8.19 0.04
CA GLY A 70 3.20 -8.95 -1.03
C GLY A 70 4.57 -9.45 -0.58
N ASN A 71 4.86 -10.72 -0.88
CA ASN A 71 6.02 -11.39 -0.29
C ASN A 71 7.22 -11.35 -1.23
N PRO A 72 7.04 -11.72 -2.48
CA PRO A 72 8.16 -11.99 -3.41
C PRO A 72 8.72 -10.71 -4.01
N GLN A 73 9.31 -9.86 -3.18
CA GLN A 73 9.97 -8.67 -3.68
C GLN A 73 11.34 -8.50 -3.00
N TYR A 74 12.26 -7.86 -3.71
CA TYR A 74 13.62 -7.72 -3.22
C TYR A 74 13.92 -6.29 -2.79
N LYS A 75 12.90 -5.44 -2.84
CA LYS A 75 13.05 -4.04 -2.44
C LYS A 75 11.83 -3.57 -1.67
N LYS A 76 12.09 -2.86 -0.57
CA LYS A 76 10.99 -2.34 0.24
C LYS A 76 10.12 -1.38 -0.55
N LYS A 77 10.76 -0.55 -1.37
CA LYS A 77 10.03 0.45 -2.14
C LYS A 77 8.99 -0.20 -3.04
N ILE A 78 9.39 -1.27 -3.71
CA ILE A 78 8.48 -1.99 -4.59
C ILE A 78 7.45 -2.76 -3.77
N ALA A 79 7.90 -3.39 -2.70
CA ALA A 79 7.01 -4.19 -1.85
C ALA A 79 5.85 -3.34 -1.37
N ALA A 80 6.14 -2.10 -0.99
CA ALA A 80 5.10 -1.19 -0.51
C ALA A 80 4.07 -0.93 -1.61
N GLU A 81 4.56 -0.68 -2.83
CA GLU A 81 3.67 -0.45 -3.96
C GLU A 81 2.81 -1.68 -4.24
N GLN A 82 3.42 -2.86 -4.12
CA GLN A 82 2.70 -4.10 -4.38
C GLN A 82 1.59 -4.32 -3.36
N ALA A 83 1.89 -4.04 -2.09
CA ALA A 83 0.89 -4.10 -1.05
C ALA A 83 -0.21 -3.07 -1.29
N ALA A 84 0.21 -1.85 -1.66
CA ALA A 84 -0.74 -0.79 -1.92
C ALA A 84 -1.65 -1.15 -3.10
N GLU A 85 -1.07 -1.75 -4.13
CA GLU A 85 -1.82 -2.11 -5.31
C GLU A 85 -2.91 -3.12 -4.97
N ALA A 86 -2.55 -4.12 -4.17
CA ALA A 86 -3.54 -5.11 -3.72
C ALA A 86 -4.67 -4.44 -2.97
N ALA A 87 -4.31 -3.60 -1.99
CA ALA A 87 -5.32 -2.88 -1.21
C ALA A 87 -6.13 -1.95 -2.11
N LEU A 88 -5.45 -1.30 -3.05
CA LEU A 88 -6.09 -0.33 -3.91
C LEU A 88 -7.26 -0.96 -4.66
N TRP A 89 -7.04 -2.16 -5.17
CA TRP A 89 -8.10 -2.87 -5.88
C TRP A 89 -9.31 -3.05 -4.99
N TYR A 90 -9.09 -3.47 -3.75
CA TYR A 90 -10.18 -3.66 -2.82
C TYR A 90 -10.84 -2.33 -2.46
N LEU A 91 -10.00 -1.31 -2.26
CA LEU A 91 -10.50 -0.02 -1.80
C LEU A 91 -11.40 0.63 -2.85
N LYS A 92 -11.02 0.48 -4.12
CA LYS A 92 -11.80 1.03 -5.21
C LYS A 92 -13.19 0.40 -5.25
N ASN A 93 -13.26 -0.90 -4.99
CA ASN A 93 -14.54 -1.59 -4.89
C ASN A 93 -15.34 -1.06 -3.72
N VAL A 94 -14.68 -0.88 -2.58
CA VAL A 94 -15.34 -0.33 -1.40
C VAL A 94 -15.82 1.09 -1.67
N GLY A 95 -15.05 1.83 -2.46
CA GLY A 95 -15.36 3.24 -2.70
C GLY A 95 -16.56 3.39 -3.63
N LEU A 96 -17.19 2.26 -3.97
CA LEU A 96 -18.40 2.29 -4.77
C LEU A 96 -19.63 2.44 -3.87
N GLU A 97 -19.40 2.45 -2.56
CA GLU A 97 -20.48 2.61 -1.61
C GLU A 97 -20.49 4.02 -1.04
N GLY A 1 -2.37 12.04 -7.59
CA GLY A 1 -3.58 11.75 -6.76
C GLY A 1 -4.51 10.82 -7.54
N ALA A 2 -5.23 11.40 -8.50
CA ALA A 2 -6.01 10.59 -9.44
C ALA A 2 -5.09 9.69 -10.25
N MET A 3 -3.91 10.20 -10.60
CA MET A 3 -2.94 9.42 -11.35
C MET A 3 -1.79 8.98 -10.44
N THR A 4 -1.02 8.01 -10.90
CA THR A 4 0.14 7.54 -10.15
C THR A 4 1.25 8.58 -10.17
N THR A 5 2.27 8.36 -9.35
CA THR A 5 3.34 9.35 -9.20
C THR A 5 4.71 8.66 -9.26
N GLU A 6 5.67 9.32 -9.90
CA GLU A 6 6.95 8.69 -10.16
C GLU A 6 8.08 9.52 -9.54
N PRO A 7 8.24 9.41 -8.25
CA PRO A 7 9.33 10.12 -7.51
C PRO A 7 10.70 9.49 -7.75
N THR A 8 10.71 8.29 -8.34
CA THR A 8 11.95 7.56 -8.54
C THR A 8 12.29 7.50 -10.03
N THR A 9 13.49 7.00 -10.33
CA THR A 9 13.95 6.94 -11.71
C THR A 9 14.01 5.49 -12.20
N GLU A 10 13.79 4.56 -11.28
CA GLU A 10 13.88 3.14 -11.61
C GLU A 10 12.57 2.64 -12.20
N GLU A 11 12.63 2.13 -13.41
CA GLU A 11 11.41 1.79 -14.15
C GLU A 11 10.54 0.82 -13.34
N GLU A 12 11.20 -0.13 -12.68
CA GLU A 12 10.47 -1.17 -11.96
C GLU A 12 9.64 -0.56 -10.83
N THR A 13 10.09 0.57 -10.32
CA THR A 13 9.41 1.22 -9.21
C THR A 13 8.42 2.26 -9.72
N GLN A 14 8.67 2.78 -10.91
CA GLN A 14 7.77 3.74 -11.52
C GLN A 14 6.46 3.08 -11.92
N ARG A 15 6.56 1.93 -12.58
CA ARG A 15 5.38 1.25 -13.10
C ARG A 15 4.56 0.66 -11.95
N SER A 16 5.19 0.52 -10.79
CA SER A 16 4.53 -0.11 -9.65
C SER A 16 3.78 0.92 -8.82
N SER A 17 3.97 2.21 -9.13
CA SER A 17 3.48 3.28 -8.28
C SER A 17 1.97 3.10 -8.06
N ALA A 18 1.58 3.12 -6.79
CA ALA A 18 0.16 3.03 -6.43
C ALA A 18 -0.12 3.80 -5.15
N LYS A 19 0.92 4.02 -4.34
CA LYS A 19 0.74 4.68 -3.06
C LYS A 19 0.03 6.02 -3.25
N SER A 20 0.41 6.75 -4.29
CA SER A 20 -0.15 8.07 -4.53
C SER A 20 -1.67 7.99 -4.69
N GLN A 21 -2.14 7.01 -5.46
CA GLN A 21 -3.57 6.85 -5.69
C GLN A 21 -4.28 6.38 -4.43
N LEU A 22 -3.61 5.54 -3.66
CA LEU A 22 -4.19 4.99 -2.44
C LEU A 22 -4.39 6.08 -1.40
N TYR A 23 -3.37 6.91 -1.23
CA TYR A 23 -3.46 8.04 -0.31
C TYR A 23 -4.62 8.95 -0.70
N ASN A 24 -4.70 9.30 -1.98
CA ASN A 24 -5.77 10.15 -2.47
C ASN A 24 -7.13 9.49 -2.24
N LEU A 25 -7.26 8.25 -2.69
CA LEU A 25 -8.51 7.52 -2.53
C LEU A 25 -8.97 7.55 -1.08
N CYS A 26 -8.06 7.24 -0.17
CA CYS A 26 -8.41 7.19 1.25
C CYS A 26 -8.85 8.57 1.74
N SER A 27 -8.10 9.60 1.34
CA SER A 27 -8.40 10.96 1.80
C SER A 27 -9.78 11.39 1.34
N VAL A 28 -10.10 11.14 0.08
CA VAL A 28 -11.35 11.60 -0.50
C VAL A 28 -12.54 10.94 0.22
N ARG A 29 -12.40 9.65 0.51
CA ARG A 29 -13.51 8.88 1.06
C ARG A 29 -13.43 8.84 2.58
N HIS A 30 -12.60 9.71 3.15
CA HIS A 30 -12.57 9.87 4.61
C HIS A 30 -12.11 8.58 5.27
N TRP A 31 -11.21 7.86 4.62
CA TRP A 31 -10.56 6.70 5.24
C TRP A 31 -9.23 7.11 5.85
N LYS A 32 -8.76 6.30 6.79
CA LYS A 32 -7.44 6.53 7.38
C LYS A 32 -6.35 6.41 6.32
N ALA A 33 -5.38 7.33 6.37
CA ALA A 33 -4.24 7.26 5.47
C ALA A 33 -3.55 5.91 5.58
N PRO A 34 -3.06 5.38 4.50
CA PRO A 34 -2.40 4.04 4.46
C PRO A 34 -1.10 4.02 5.26
N LEU A 35 -0.93 2.96 6.05
CA LEU A 35 0.33 2.75 6.77
C LEU A 35 1.08 1.56 6.18
N TYR A 36 2.39 1.70 6.07
CA TYR A 36 3.20 0.69 5.39
C TYR A 36 4.20 0.06 6.35
N GLU A 37 4.50 -1.22 6.13
CA GLU A 37 5.59 -1.87 6.84
C GLU A 37 6.19 -2.99 6.00
N TYR A 38 7.36 -3.48 6.39
CA TYR A 38 7.98 -4.61 5.71
C TYR A 38 8.19 -5.77 6.66
N ILE A 39 8.07 -6.98 6.15
CA ILE A 39 8.41 -8.18 6.91
C ILE A 39 9.51 -8.96 6.21
N ALA A 40 10.66 -9.09 6.87
CA ALA A 40 11.81 -9.71 6.26
C ALA A 40 11.77 -11.22 6.43
N GLU A 41 11.91 -11.95 5.32
CA GLU A 41 11.94 -13.41 5.38
C GLU A 41 13.03 -13.95 4.47
N GLY A 42 13.50 -15.16 4.77
CA GLY A 42 14.47 -15.83 3.91
C GLY A 42 15.89 -15.61 4.42
N PRO A 43 16.86 -16.12 3.72
CA PRO A 43 18.30 -16.03 4.12
C PRO A 43 18.90 -14.68 3.79
N CYS A 44 20.18 -14.51 4.12
CA CYS A 44 20.90 -13.29 3.74
C CYS A 44 21.02 -13.19 2.22
N HIS A 45 20.90 -14.31 1.52
CA HIS A 45 21.03 -14.33 0.08
C HIS A 45 19.69 -14.06 -0.57
N MET A 46 19.56 -12.90 -1.22
CA MET A 46 18.30 -12.48 -1.80
C MET A 46 17.18 -12.51 -0.75
N LYS A 47 17.44 -11.88 0.38
CA LYS A 47 16.41 -11.75 1.42
C LYS A 47 15.19 -11.04 0.86
N ILE A 48 14.01 -11.60 1.16
CA ILE A 48 12.76 -11.05 0.62
C ILE A 48 12.05 -10.21 1.66
N PHE A 49 11.58 -9.03 1.26
CA PHE A 49 10.96 -8.12 2.19
C PHE A 49 9.48 -7.92 1.84
N THR A 50 8.62 -8.71 2.48
CA THR A 50 7.19 -8.63 2.22
C THR A 50 6.66 -7.23 2.49
N GLY A 51 5.97 -6.66 1.50
CA GLY A 51 5.36 -5.35 1.68
C GLY A 51 3.92 -5.47 2.17
N LYS A 52 3.58 -4.68 3.18
CA LYS A 52 2.22 -4.68 3.72
C LYS A 52 1.70 -3.25 3.89
N VAL A 53 0.43 -3.06 3.58
CA VAL A 53 -0.21 -1.76 3.81
C VAL A 53 -1.52 -1.94 4.58
N THR A 54 -1.78 -1.03 5.52
CA THR A 54 -3.00 -1.11 6.30
C THR A 54 -3.86 0.14 6.07
N VAL A 55 -5.14 -0.07 5.79
CA VAL A 55 -6.07 1.05 5.67
C VAL A 55 -7.30 0.81 6.54
N GLU A 56 -7.59 1.75 7.43
CA GLU A 56 -8.73 1.62 8.32
C GLU A 56 -9.93 2.39 7.78
N MET A 57 -11.12 1.79 7.89
CA MET A 57 -12.31 2.37 7.29
C MET A 57 -12.90 3.44 8.19
N LYS A 58 -13.16 3.08 9.45
CA LYS A 58 -13.68 4.04 10.41
C LYS A 58 -14.89 4.78 9.84
N GLU A 59 -15.82 4.03 9.28
CA GLU A 59 -17.04 4.61 8.73
C GLU A 59 -18.16 4.61 9.75
N ASP A 60 -19.24 5.33 9.46
CA ASP A 60 -20.33 5.46 10.40
C ASP A 60 -20.94 4.11 10.76
N SER A 61 -20.95 3.21 9.79
CA SER A 61 -21.65 1.94 9.94
C SER A 61 -20.74 0.75 9.63
N ARG A 62 -19.46 1.03 9.43
CA ARG A 62 -18.50 0.00 9.10
C ARG A 62 -17.15 0.28 9.76
N ILE A 63 -16.92 -0.36 10.90
CA ILE A 63 -15.65 -0.23 11.60
C ILE A 63 -14.80 -1.48 11.41
N THR A 64 -13.92 -1.44 10.42
CA THR A 64 -13.07 -2.59 10.12
C THR A 64 -11.73 -2.15 9.57
N VAL A 65 -10.88 -3.11 9.23
CA VAL A 65 -9.53 -2.80 8.78
C VAL A 65 -9.17 -3.62 7.54
N LEU A 66 -8.60 -2.94 6.55
CA LEU A 66 -8.10 -3.63 5.36
C LEU A 66 -6.59 -3.81 5.46
N GLU A 67 -6.14 -5.05 5.33
CA GLU A 67 -4.71 -5.34 5.32
C GLU A 67 -4.31 -6.09 4.06
N CYS A 68 -3.42 -5.49 3.27
CA CYS A 68 -2.97 -6.11 2.03
C CYS A 68 -1.44 -6.22 2.01
N PHE A 69 -0.94 -7.20 1.27
CA PHE A 69 0.50 -7.43 1.21
C PHE A 69 0.87 -8.23 -0.04
N GLY A 70 2.15 -8.26 -0.36
CA GLY A 70 2.66 -9.18 -1.36
C GLY A 70 3.99 -9.77 -0.91
N ASN A 71 4.14 -11.08 -1.08
CA ASN A 71 5.21 -11.81 -0.40
C ASN A 71 6.48 -11.85 -1.26
N PRO A 72 6.36 -12.21 -2.52
CA PRO A 72 7.54 -12.42 -3.41
C PRO A 72 8.09 -11.10 -3.95
N GLN A 73 8.57 -10.25 -3.05
CA GLN A 73 9.05 -8.93 -3.45
C GLN A 73 10.42 -8.67 -2.82
N TYR A 74 11.45 -8.66 -3.66
CA TYR A 74 12.81 -8.47 -3.17
C TYR A 74 13.05 -7.03 -2.75
N LYS A 75 12.64 -6.09 -3.60
CA LYS A 75 12.97 -4.69 -3.40
C LYS A 75 11.89 -3.99 -2.58
N LYS A 76 12.30 -3.33 -1.50
CA LYS A 76 11.35 -2.64 -0.64
C LYS A 76 10.59 -1.57 -1.41
N LYS A 77 11.26 -0.96 -2.38
CA LYS A 77 10.66 0.13 -3.14
C LYS A 77 9.48 -0.37 -3.95
N ILE A 78 9.45 -1.67 -4.21
CA ILE A 78 8.38 -2.26 -5.00
C ILE A 78 7.35 -2.92 -4.09
N ALA A 79 7.83 -3.63 -3.08
CA ALA A 79 6.95 -4.43 -2.24
C ALA A 79 5.85 -3.56 -1.64
N ALA A 80 6.23 -2.40 -1.13
CA ALA A 80 5.27 -1.51 -0.50
C ALA A 80 4.20 -1.06 -1.50
N GLU A 81 4.64 -0.76 -2.72
CA GLU A 81 3.73 -0.25 -3.74
C GLU A 81 2.78 -1.34 -4.21
N GLN A 82 3.30 -2.56 -4.30
CA GLN A 82 2.47 -3.70 -4.69
C GLN A 82 1.37 -3.94 -3.67
N ALA A 83 1.69 -3.78 -2.39
CA ALA A 83 0.69 -3.84 -1.34
C ALA A 83 -0.35 -2.74 -1.52
N ALA A 84 0.12 -1.55 -1.89
CA ALA A 84 -0.78 -0.42 -2.12
C ALA A 84 -1.72 -0.72 -3.28
N GLU A 85 -1.19 -1.32 -4.33
CA GLU A 85 -2.00 -1.67 -5.50
C GLU A 85 -3.11 -2.64 -5.09
N ALA A 86 -2.76 -3.63 -4.29
CA ALA A 86 -3.75 -4.58 -3.80
C ALA A 86 -4.84 -3.86 -3.00
N ALA A 87 -4.42 -2.91 -2.17
CA ALA A 87 -5.39 -2.16 -1.35
C ALA A 87 -6.39 -1.43 -2.23
N LEU A 88 -5.90 -0.87 -3.33
CA LEU A 88 -6.76 -0.15 -4.27
C LEU A 88 -7.86 -1.07 -4.80
N TRP A 89 -7.47 -2.30 -5.12
CA TRP A 89 -8.42 -3.27 -5.64
C TRP A 89 -9.51 -3.56 -4.60
N TYR A 90 -9.09 -3.81 -3.37
CA TYR A 90 -10.03 -4.14 -2.31
C TYR A 90 -10.92 -2.95 -1.99
N LEU A 91 -10.32 -1.76 -1.94
CA LEU A 91 -11.05 -0.56 -1.56
C LEU A 91 -12.06 -0.18 -2.64
N LYS A 92 -11.73 -0.49 -3.88
CA LYS A 92 -12.66 -0.30 -4.99
C LYS A 92 -13.96 -1.06 -4.72
N ASN A 93 -13.83 -2.32 -4.33
CA ASN A 93 -15.01 -3.14 -4.03
C ASN A 93 -15.79 -2.52 -2.87
N VAL A 94 -15.07 -1.98 -1.89
CA VAL A 94 -15.71 -1.33 -0.76
C VAL A 94 -16.46 -0.07 -1.21
N GLY A 95 -15.81 0.73 -2.05
CA GLY A 95 -16.42 1.96 -2.54
C GLY A 95 -17.68 1.67 -3.35
N LEU A 96 -17.73 0.48 -3.94
CA LEU A 96 -18.86 0.11 -4.79
C LEU A 96 -19.82 -0.81 -4.05
N GLU A 97 -19.66 -0.85 -2.73
CA GLU A 97 -20.55 -1.68 -1.90
C GLU A 97 -21.53 -0.80 -1.12
#